data_2UVN
#
_entry.id   2UVN
#
_cell.length_a   130.676
_cell.length_b   130.676
_cell.length_c   229.357
_cell.angle_alpha   90.00
_cell.angle_beta   90.00
_cell.angle_gamma   120.00
#
_symmetry.space_group_name_H-M   'P 32 2 1'
#
loop_
_entity.id
_entity.type
_entity.pdbx_description
1 polymer 'CYTOCHROME P450 130'
2 non-polymer 'PROTOPORPHYRIN IX CONTAINING FE'
3 non-polymer 1-[(2S)-2-[(4-CHLOROBENZYL)OXY]-2-(2,4-DICHLOROPHENYL)ETHYL]-1H-IMIDAZOLE
4 non-polymer 'FLUORIDE ION'
5 non-polymer 'SULFATE ION'
6 water water
#
_entity_poly.entity_id   1
_entity_poly.type   'polypeptide(L)'
_entity_poly.pdbx_seq_one_letter_code
;MHHHHHHMTSVMSHEFQLATAETWPNPWPMYRALRDHDPVHHVVPPQRPEYDYYVLSRHADVWSAARDHQTFSSAQGLTV
NYGELEMIGLHDTPPMVMQDPPVHTEFRKLVSRGFTPRQVETVEPTVRKFVVERLEKLRANGGGDIVTELFKPLPSMVVA
HYLGVPEEDWTQFDGWTQAIVAANAVDGATTGALDAVGSMMAYFTGLIERRRTEPADDAISHLVAAGVGADGDTAGTLSI
LAFTFTMVTGGNDTVTGMLGGSMPLLHRRPDQRRLLLDDPEGIPDAVEELLRLTSPVQGLARTTTRDVTIGDTTIPAGRR
VLLLYGSANRDERQYGPDAAELDVTRCPRNILTFSHGAHHCLGAAAARMQCRVALTELLARCPDFEVAESRIVWSGGSYV
RRPLSVPFRVTSSR
;
_entity_poly.pdbx_strand_id   A,B
#
loop_
_chem_comp.id
_chem_comp.type
_chem_comp.name
_chem_comp.formula
ECN non-polymer 1-[(2S)-2-[(4-CHLOROBENZYL)OXY]-2-(2,4-DICHLOROPHENYL)ETHYL]-1H-IMIDAZOLE 'C18 H15 Cl3 N2 O'
F non-polymer 'FLUORIDE ION' 'F -1'
HEM non-polymer 'PROTOPORPHYRIN IX CONTAINING FE' 'C34 H32 Fe N4 O4'
SO4 non-polymer 'SULFATE ION' 'O4 S -2'
#
# COMPACT_ATOMS: atom_id res chain seq x y z
N SER A 13 28.50 -23.15 -9.59
CA SER A 13 28.37 -22.74 -8.16
C SER A 13 27.07 -23.26 -7.50
N HIS A 14 26.79 -22.77 -6.30
CA HIS A 14 25.60 -23.18 -5.54
C HIS A 14 24.27 -22.96 -6.29
N GLU A 15 23.17 -23.45 -5.72
CA GLU A 15 21.85 -23.30 -6.35
C GLU A 15 21.20 -21.98 -5.94
N PHE A 16 20.05 -21.66 -6.54
CA PHE A 16 19.43 -20.38 -6.21
C PHE A 16 19.21 -20.14 -4.74
N GLN A 17 19.36 -18.88 -4.36
CA GLN A 17 19.20 -18.46 -3.00
C GLN A 17 19.19 -16.94 -3.00
N LEU A 18 18.12 -16.35 -2.49
CA LEU A 18 18.02 -14.90 -2.46
C LEU A 18 19.29 -14.32 -1.88
N ALA A 19 19.76 -13.24 -2.49
CA ALA A 19 21.00 -12.59 -2.06
C ALA A 19 20.99 -11.94 -0.68
N THR A 20 22.16 -11.87 -0.08
CA THR A 20 22.37 -11.25 1.23
C THR A 20 23.62 -10.39 1.10
N ALA A 21 23.90 -9.58 2.12
CA ALA A 21 25.09 -8.75 2.07
C ALA A 21 26.32 -9.62 1.82
N GLU A 22 26.31 -10.83 2.39
CA GLU A 22 27.43 -11.76 2.25
C GLU A 22 27.56 -12.38 0.87
N THR A 23 26.44 -12.57 0.19
CA THR A 23 26.49 -13.19 -1.14
C THR A 23 26.54 -12.21 -2.32
N TRP A 24 26.24 -10.94 -2.09
CA TRP A 24 26.25 -9.94 -3.15
C TRP A 24 27.56 -9.76 -3.91
N PRO A 25 28.70 -10.09 -3.29
CA PRO A 25 29.98 -9.93 -3.98
C PRO A 25 30.12 -10.63 -5.34
N ASN A 26 29.88 -11.94 -5.39
CA ASN A 26 30.03 -12.65 -6.65
C ASN A 26 28.88 -13.62 -6.95
N PRO A 27 27.68 -13.07 -7.20
CA PRO A 27 26.52 -13.90 -7.50
C PRO A 27 26.51 -14.47 -8.92
N TRP A 28 27.43 -13.97 -9.73
CA TRP A 28 27.57 -14.35 -11.15
C TRP A 28 27.61 -15.86 -11.46
N PRO A 29 28.29 -16.65 -10.63
CA PRO A 29 28.35 -18.08 -10.91
C PRO A 29 27.01 -18.80 -10.67
N MET A 30 26.27 -18.35 -9.67
CA MET A 30 24.96 -18.94 -9.39
C MET A 30 24.11 -18.71 -10.61
N TYR A 31 24.17 -17.49 -11.14
CA TYR A 31 23.43 -17.14 -12.32
C TYR A 31 23.81 -18.07 -13.46
N ARG A 32 25.10 -18.13 -13.78
CA ARG A 32 25.51 -19.01 -14.86
C ARG A 32 24.94 -20.40 -14.62
N ALA A 33 25.08 -20.89 -13.39
CA ALA A 33 24.57 -22.19 -13.00
C ALA A 33 23.14 -22.36 -13.49
N LEU A 34 22.28 -21.46 -13.03
CA LEU A 34 20.87 -21.47 -13.41
C LEU A 34 20.70 -21.41 -14.93
N ARG A 35 21.30 -20.40 -15.57
CA ARG A 35 21.19 -20.25 -17.01
C ARG A 35 21.55 -21.53 -17.76
N ASP A 36 22.72 -22.08 -17.45
CA ASP A 36 23.17 -23.29 -18.12
C ASP A 36 22.46 -24.57 -17.71
N HIS A 37 21.77 -24.58 -16.57
CA HIS A 37 21.13 -25.82 -16.15
C HIS A 37 19.70 -25.80 -15.63
N ASP A 38 19.13 -24.62 -15.39
CA ASP A 38 17.75 -24.53 -14.90
C ASP A 38 17.20 -23.15 -15.22
N PRO A 39 17.01 -22.85 -16.52
CA PRO A 39 16.50 -21.59 -17.06
C PRO A 39 15.19 -21.16 -16.41
N VAL A 40 14.40 -22.14 -15.98
CA VAL A 40 13.12 -21.93 -15.31
C VAL A 40 13.19 -22.71 -14.01
N HIS A 41 13.96 -22.18 -13.07
CA HIS A 41 14.18 -22.79 -11.76
C HIS A 41 13.02 -22.69 -10.78
N HIS A 42 12.62 -23.83 -10.24
CA HIS A 42 11.53 -23.89 -9.28
C HIS A 42 12.08 -23.86 -7.86
N VAL A 43 11.62 -22.88 -7.09
CA VAL A 43 12.07 -22.74 -5.71
C VAL A 43 10.94 -23.17 -4.80
N VAL A 44 11.26 -24.00 -3.82
CA VAL A 44 10.25 -24.48 -2.88
C VAL A 44 10.72 -24.35 -1.43
N PRO A 45 10.34 -23.26 -0.75
CA PRO A 45 10.74 -23.09 0.64
C PRO A 45 10.42 -24.38 1.39
N PRO A 46 11.47 -25.11 1.83
CA PRO A 46 11.34 -26.39 2.55
C PRO A 46 10.30 -26.43 3.67
N GLN A 47 10.12 -25.29 4.33
CA GLN A 47 9.17 -25.18 5.42
C GLN A 47 7.80 -24.67 4.97
N ARG A 48 7.80 -23.69 4.07
CA ARG A 48 6.54 -23.13 3.57
C ARG A 48 6.38 -23.42 2.08
N PRO A 49 6.07 -24.69 1.73
CA PRO A 49 5.90 -25.15 0.35
C PRO A 49 4.82 -24.42 -0.44
N GLU A 50 3.89 -23.77 0.26
CA GLU A 50 2.80 -23.06 -0.42
C GLU A 50 3.34 -21.79 -1.07
N TYR A 51 4.55 -21.41 -0.71
CA TYR A 51 5.15 -20.20 -1.23
C TYR A 51 6.25 -20.47 -2.25
N ASP A 52 6.09 -21.56 -3.00
CA ASP A 52 7.07 -21.91 -4.03
C ASP A 52 6.96 -20.87 -5.13
N TYR A 53 8.06 -20.67 -5.86
CA TYR A 53 8.09 -19.71 -6.94
C TYR A 53 9.12 -20.10 -8.00
N TYR A 54 9.20 -19.35 -9.09
CA TYR A 54 10.13 -19.67 -10.14
C TYR A 54 11.14 -18.56 -10.40
N VAL A 55 12.26 -18.93 -11.02
CA VAL A 55 13.30 -17.97 -11.31
C VAL A 55 13.80 -18.09 -12.75
N LEU A 56 13.69 -16.98 -13.48
CA LEU A 56 14.12 -16.91 -14.87
C LEU A 56 15.49 -16.23 -14.95
N SER A 57 16.45 -16.90 -15.56
CA SER A 57 17.81 -16.37 -15.64
C SER A 57 18.36 -16.10 -17.03
N ARG A 58 17.74 -16.65 -18.07
CA ARG A 58 18.23 -16.43 -19.43
C ARG A 58 17.72 -15.13 -20.03
N HIS A 59 18.61 -14.38 -20.64
CA HIS A 59 18.24 -13.10 -21.22
C HIS A 59 16.90 -13.15 -21.98
N ALA A 60 16.78 -14.15 -22.86
CA ALA A 60 15.58 -14.32 -23.67
C ALA A 60 14.29 -14.46 -22.87
N ASP A 61 14.29 -15.37 -21.90
CA ASP A 61 13.13 -15.60 -21.05
C ASP A 61 12.81 -14.38 -20.19
N VAL A 62 13.84 -13.82 -19.54
CA VAL A 62 13.62 -12.66 -18.71
C VAL A 62 13.05 -11.53 -19.54
N TRP A 63 13.61 -11.33 -20.73
CA TRP A 63 13.16 -10.27 -21.64
C TRP A 63 11.67 -10.40 -22.03
N SER A 64 11.25 -11.58 -22.48
CA SER A 64 9.85 -11.78 -22.86
C SER A 64 8.91 -11.51 -21.70
N ALA A 65 9.24 -12.09 -20.56
CA ALA A 65 8.45 -11.98 -19.34
C ALA A 65 8.24 -10.52 -18.93
N ALA A 66 9.31 -9.76 -18.93
CA ALA A 66 9.23 -8.38 -18.54
C ALA A 66 8.25 -7.64 -19.44
N ARG A 67 8.36 -7.88 -20.74
CA ARG A 67 7.51 -7.24 -21.74
C ARG A 67 6.06 -7.69 -21.71
N ASP A 68 5.83 -8.99 -21.70
CA ASP A 68 4.48 -9.50 -21.66
C ASP A 68 3.80 -9.24 -20.31
N HIS A 69 3.46 -7.99 -20.05
CA HIS A 69 2.81 -7.59 -18.82
C HIS A 69 1.42 -8.21 -18.66
N GLN A 70 0.88 -8.70 -19.77
CA GLN A 70 -0.44 -9.32 -19.78
C GLN A 70 -0.42 -10.62 -18.99
N THR A 71 0.62 -11.42 -19.22
CA THR A 71 0.79 -12.71 -18.57
C THR A 71 1.50 -12.60 -17.23
N PHE A 72 2.53 -11.77 -17.17
CA PHE A 72 3.31 -11.56 -15.95
C PHE A 72 2.99 -10.23 -15.30
N SER A 73 2.07 -10.26 -14.33
CA SER A 73 1.60 -9.08 -13.62
C SER A 73 2.61 -8.44 -12.66
N SER A 74 2.33 -7.18 -12.32
CA SER A 74 3.16 -6.43 -11.40
C SER A 74 2.35 -6.07 -10.16
N ALA A 75 1.08 -5.74 -10.37
CA ALA A 75 0.19 -5.33 -9.29
C ALA A 75 0.01 -6.32 -8.13
N GLN A 76 0.61 -7.49 -8.26
CA GLN A 76 0.53 -8.50 -7.20
C GLN A 76 1.77 -8.41 -6.28
N GLY A 77 2.84 -7.81 -6.80
CA GLY A 77 4.06 -7.65 -6.04
C GLY A 77 5.28 -7.66 -6.94
N LEU A 78 6.42 -7.21 -6.42
CA LEU A 78 7.63 -7.19 -7.22
C LEU A 78 8.73 -8.11 -6.67
N THR A 79 8.42 -8.79 -5.56
CA THR A 79 9.36 -9.70 -4.91
C THR A 79 8.77 -11.10 -4.82
N VAL A 80 9.60 -12.08 -4.46
CA VAL A 80 9.13 -13.45 -4.36
C VAL A 80 8.36 -13.69 -3.06
N ASN A 81 8.10 -12.61 -2.32
CA ASN A 81 7.39 -12.67 -1.04
C ASN A 81 5.87 -12.50 -1.20
N TYR A 82 5.13 -13.59 -1.02
CA TYR A 82 3.68 -13.57 -1.17
C TYR A 82 2.91 -12.70 -0.18
N GLY A 83 3.56 -12.34 0.93
CA GLY A 83 2.89 -11.51 1.92
C GLY A 83 3.17 -10.04 1.69
N GLU A 84 3.80 -9.77 0.54
CA GLU A 84 4.20 -8.43 0.12
C GLU A 84 3.20 -7.30 0.31
N LEU A 85 1.95 -7.53 -0.09
CA LEU A 85 0.90 -6.52 0.02
C LEU A 85 0.17 -6.53 1.38
N GLU A 86 0.69 -7.31 2.34
CA GLU A 86 0.09 -7.39 3.66
C GLU A 86 0.93 -6.59 4.66
N MET A 87 1.33 -7.24 5.76
CA MET A 87 2.13 -6.58 6.80
C MET A 87 3.40 -7.32 7.19
N ILE A 88 3.25 -8.58 7.62
CA ILE A 88 4.41 -9.37 8.03
C ILE A 88 5.25 -9.73 6.82
N GLY A 89 6.56 -9.69 7.03
CA GLY A 89 7.48 -10.01 5.95
C GLY A 89 8.17 -8.77 5.42
N LEU A 90 7.44 -8.00 4.60
CA LEU A 90 7.93 -6.76 3.97
C LEU A 90 9.43 -6.56 4.13
N HIS A 91 9.83 -5.45 4.75
CA HIS A 91 11.24 -5.19 4.98
C HIS A 91 11.98 -4.98 3.65
N ASP A 92 12.04 -6.04 2.85
CA ASP A 92 12.72 -6.02 1.55
C ASP A 92 11.67 -6.00 0.44
N THR A 93 10.98 -4.88 0.28
CA THR A 93 9.95 -4.73 -0.73
C THR A 93 9.76 -3.27 -1.11
N PRO A 94 9.35 -2.99 -2.34
CA PRO A 94 9.16 -1.58 -2.72
C PRO A 94 8.03 -0.94 -1.92
N PRO A 95 8.17 0.34 -1.55
CA PRO A 95 7.13 1.02 -0.78
C PRO A 95 5.81 1.11 -1.53
N MET A 96 5.89 1.06 -2.85
CA MET A 96 4.69 1.16 -3.69
C MET A 96 4.50 -0.01 -4.65
N VAL A 97 3.24 -0.35 -4.91
CA VAL A 97 2.93 -1.44 -5.83
C VAL A 97 2.44 -0.88 -7.17
N MET A 98 3.09 -1.30 -8.25
CA MET A 98 2.74 -0.84 -9.60
C MET A 98 1.66 -1.65 -10.29
N GLN A 99 0.75 -0.95 -10.97
CA GLN A 99 -0.33 -1.62 -11.66
C GLN A 99 0.07 -2.05 -13.08
N ASP A 100 -0.88 -2.61 -13.82
CA ASP A 100 -0.61 -3.04 -15.18
C ASP A 100 -1.44 -2.23 -16.17
N PRO A 101 -1.00 -2.17 -17.43
CA PRO A 101 -1.79 -1.41 -18.39
C PRO A 101 -3.15 -2.15 -18.43
N PRO A 102 -4.26 -1.44 -18.63
CA PRO A 102 -4.48 0.00 -18.84
C PRO A 102 -4.47 0.84 -17.58
N VAL A 103 -4.79 0.21 -16.45
CA VAL A 103 -4.84 0.91 -15.17
C VAL A 103 -3.62 1.79 -14.95
N HIS A 104 -2.44 1.21 -15.14
CA HIS A 104 -1.17 1.90 -14.95
C HIS A 104 -0.91 3.07 -15.92
N THR A 105 -1.55 3.02 -17.08
CA THR A 105 -1.35 4.03 -18.11
C THR A 105 -1.59 5.49 -17.73
N GLU A 106 -2.59 5.75 -16.90
CA GLU A 106 -2.85 7.14 -16.51
C GLU A 106 -1.63 7.67 -15.78
N PHE A 107 -1.24 6.94 -14.74
CA PHE A 107 -0.10 7.26 -13.90
C PHE A 107 1.14 7.54 -14.75
N ARG A 108 1.54 6.55 -15.54
CA ARG A 108 2.70 6.69 -16.39
C ARG A 108 2.61 7.97 -17.21
N LYS A 109 1.44 8.24 -17.77
CA LYS A 109 1.22 9.43 -18.58
C LYS A 109 1.55 10.71 -17.82
N LEU A 110 0.98 10.83 -16.63
CA LEU A 110 1.17 12.01 -15.79
C LEU A 110 2.56 12.16 -15.20
N VAL A 111 3.09 11.10 -14.60
CA VAL A 111 4.40 11.19 -14.00
C VAL A 111 5.49 11.39 -15.02
N SER A 112 5.34 10.82 -16.21
CA SER A 112 6.36 11.00 -17.23
C SER A 112 6.52 12.47 -17.60
N ARG A 113 5.51 13.28 -17.28
CA ARG A 113 5.55 14.71 -17.59
C ARG A 113 6.62 15.44 -16.75
N GLY A 114 6.98 14.84 -15.62
CA GLY A 114 8.00 15.43 -14.77
C GLY A 114 9.34 14.78 -15.00
N PHE A 115 9.37 13.88 -15.99
CA PHE A 115 10.57 13.16 -16.36
C PHE A 115 10.98 13.47 -17.80
N THR A 116 11.12 14.75 -18.10
CA THR A 116 11.50 15.15 -19.45
C THR A 116 13.00 15.44 -19.52
N PRO A 117 13.53 15.62 -20.74
CA PRO A 117 14.95 15.91 -20.94
C PRO A 117 15.41 17.16 -20.21
N ARG A 118 14.54 18.16 -20.12
CA ARG A 118 14.89 19.39 -19.44
C ARG A 118 15.22 19.07 -17.99
N GLN A 119 14.43 18.18 -17.40
CA GLN A 119 14.63 17.74 -16.01
C GLN A 119 16.07 17.30 -15.74
N VAL A 120 16.71 16.70 -16.74
CA VAL A 120 18.08 16.22 -16.59
C VAL A 120 19.06 17.39 -16.71
N GLU A 121 18.90 18.15 -17.80
CA GLU A 121 19.77 19.30 -18.05
C GLU A 121 19.71 20.28 -16.90
N THR A 122 18.49 20.54 -16.44
CA THR A 122 18.28 21.48 -15.34
C THR A 122 19.00 21.14 -14.04
N VAL A 123 19.34 19.87 -13.84
CA VAL A 123 20.01 19.49 -12.61
C VAL A 123 21.43 18.95 -12.82
N GLU A 124 21.79 18.69 -14.08
CA GLU A 124 23.12 18.17 -14.36
C GLU A 124 24.23 19.04 -13.75
N PRO A 125 24.16 20.38 -13.95
CA PRO A 125 25.21 21.23 -13.37
C PRO A 125 25.42 20.91 -11.90
N THR A 126 24.32 20.88 -11.14
CA THR A 126 24.40 20.59 -9.71
C THR A 126 25.15 19.30 -9.44
N VAL A 127 24.86 18.30 -10.27
CA VAL A 127 25.50 17.00 -10.13
C VAL A 127 27.02 17.15 -10.25
N ARG A 128 27.45 17.73 -11.36
CA ARG A 128 28.88 17.93 -11.61
C ARG A 128 29.57 18.75 -10.50
N LYS A 129 28.93 19.83 -10.06
CA LYS A 129 29.51 20.67 -9.01
C LYS A 129 29.88 19.77 -7.84
N PHE A 130 28.88 19.06 -7.31
CA PHE A 130 29.06 18.16 -6.18
C PHE A 130 30.12 17.10 -6.45
N VAL A 131 30.06 16.47 -7.61
CA VAL A 131 31.03 15.43 -7.96
C VAL A 131 32.45 15.94 -7.84
N VAL A 132 32.68 17.11 -8.42
CA VAL A 132 34.00 17.72 -8.39
C VAL A 132 34.42 18.12 -6.97
N GLU A 133 33.49 18.66 -6.21
CA GLU A 133 33.79 19.07 -4.84
C GLU A 133 34.32 17.89 -4.04
N ARG A 134 33.56 16.79 -4.04
CA ARG A 134 33.97 15.60 -3.30
C ARG A 134 35.19 14.90 -3.89
N LEU A 135 35.29 14.84 -5.21
CA LEU A 135 36.44 14.20 -5.82
C LEU A 135 37.73 14.86 -5.34
N GLU A 136 37.76 16.18 -5.40
CA GLU A 136 38.94 16.95 -4.97
C GLU A 136 39.18 16.84 -3.48
N LYS A 137 38.11 16.66 -2.70
CA LYS A 137 38.27 16.53 -1.26
C LYS A 137 38.98 15.20 -1.01
N LEU A 138 38.73 14.23 -1.88
CA LEU A 138 39.35 12.92 -1.78
C LEU A 138 40.78 12.96 -2.29
N ARG A 139 41.04 13.79 -3.30
CA ARG A 139 42.39 13.95 -3.85
C ARG A 139 43.22 14.55 -2.73
N ALA A 140 42.57 15.34 -1.89
CA ALA A 140 43.21 15.97 -0.76
C ALA A 140 43.77 14.85 0.11
N ASN A 141 42.87 14.00 0.62
CA ASN A 141 43.28 12.88 1.47
C ASN A 141 43.87 11.73 0.67
N GLY A 142 44.04 11.94 -0.63
CA GLY A 142 44.59 10.89 -1.49
C GLY A 142 43.86 9.56 -1.32
N GLY A 143 42.57 9.63 -0.99
CA GLY A 143 41.78 8.43 -0.80
C GLY A 143 40.66 8.64 0.19
N GLY A 144 39.84 7.60 0.36
CA GLY A 144 38.71 7.67 1.27
C GLY A 144 37.66 6.68 0.84
N ASP A 145 36.44 6.80 1.35
CA ASP A 145 35.36 5.90 0.97
C ASP A 145 34.53 6.63 -0.08
N ILE A 146 34.76 6.30 -1.34
CA ILE A 146 34.06 6.97 -2.43
C ILE A 146 32.54 6.82 -2.39
N VAL A 147 32.05 5.81 -1.69
CA VAL A 147 30.61 5.60 -1.56
C VAL A 147 30.09 6.56 -0.50
N THR A 148 30.71 6.51 0.67
CA THR A 148 30.33 7.35 1.80
C THR A 148 30.53 8.83 1.50
N GLU A 149 31.63 9.12 0.81
CA GLU A 149 31.98 10.49 0.46
C GLU A 149 31.28 11.07 -0.77
N LEU A 150 30.83 10.21 -1.68
CA LEU A 150 30.18 10.73 -2.88
C LEU A 150 28.97 9.96 -3.41
N PHE A 151 29.17 8.70 -3.75
CA PHE A 151 28.10 7.90 -4.32
C PHE A 151 26.84 7.67 -3.46
N LYS A 152 26.86 8.06 -2.19
CA LYS A 152 25.66 7.86 -1.37
C LYS A 152 24.84 9.14 -1.37
N PRO A 153 25.48 10.28 -1.06
CA PRO A 153 24.76 11.55 -1.05
C PRO A 153 24.39 12.09 -2.44
N LEU A 154 25.22 11.75 -3.43
CA LEU A 154 25.01 12.22 -4.81
C LEU A 154 23.60 12.06 -5.40
N PRO A 155 23.03 10.84 -5.36
CA PRO A 155 21.70 10.60 -5.91
C PRO A 155 20.58 11.39 -5.24
N SER A 156 20.72 11.62 -3.93
CA SER A 156 19.71 12.34 -3.16
C SER A 156 19.26 13.67 -3.74
N MET A 157 20.20 14.39 -4.35
CA MET A 157 19.90 15.69 -4.95
C MET A 157 19.03 15.52 -6.18
N VAL A 158 19.34 14.51 -6.99
CA VAL A 158 18.58 14.23 -8.20
C VAL A 158 17.17 13.80 -7.82
N VAL A 159 17.06 12.93 -6.81
CA VAL A 159 15.76 12.46 -6.36
C VAL A 159 14.95 13.65 -5.83
N ALA A 160 15.58 14.46 -4.99
CA ALA A 160 14.90 15.64 -4.46
C ALA A 160 14.46 16.49 -5.64
N HIS A 161 15.32 16.58 -6.64
CA HIS A 161 15.03 17.37 -7.81
C HIS A 161 13.78 16.85 -8.51
N TYR A 162 13.75 15.56 -8.84
CA TYR A 162 12.59 15.00 -9.51
C TYR A 162 11.31 15.03 -8.70
N LEU A 163 11.44 15.00 -7.38
CA LEU A 163 10.27 15.02 -6.50
C LEU A 163 9.72 16.43 -6.33
N GLY A 164 10.45 17.41 -6.83
CA GLY A 164 10.02 18.79 -6.74
C GLY A 164 10.23 19.39 -5.36
N VAL A 165 11.41 19.18 -4.79
CA VAL A 165 11.73 19.71 -3.48
C VAL A 165 12.54 21.00 -3.62
N PRO A 166 12.00 22.14 -3.17
CA PRO A 166 12.67 23.46 -3.25
C PRO A 166 14.04 23.50 -2.56
N GLU A 167 14.99 24.17 -3.20
CA GLU A 167 16.35 24.29 -2.69
C GLU A 167 16.49 24.59 -1.21
N GLU A 168 15.69 25.52 -0.67
CA GLU A 168 15.79 25.83 0.75
C GLU A 168 15.65 24.57 1.60
N ASP A 169 14.78 23.66 1.18
CA ASP A 169 14.56 22.43 1.91
C ASP A 169 15.60 21.35 1.63
N TRP A 170 16.34 21.49 0.53
CA TRP A 170 17.36 20.52 0.15
C TRP A 170 18.19 20.02 1.31
N THR A 171 18.61 20.93 2.18
CA THR A 171 19.43 20.59 3.33
C THR A 171 18.67 19.61 4.22
N GLN A 172 17.52 20.08 4.67
CA GLN A 172 16.63 19.32 5.54
C GLN A 172 16.24 17.97 4.92
N PHE A 173 15.77 18.01 3.67
CA PHE A 173 15.34 16.82 2.95
C PHE A 173 16.41 15.74 2.91
N ASP A 174 17.61 16.12 2.49
CA ASP A 174 18.71 15.16 2.41
C ASP A 174 18.95 14.52 3.76
N GLY A 175 18.65 15.27 4.82
CA GLY A 175 18.84 14.74 6.16
C GLY A 175 18.01 13.48 6.30
N TRP A 176 16.69 13.64 6.14
CA TRP A 176 15.76 12.54 6.24
C TRP A 176 16.15 11.40 5.32
N THR A 177 16.46 11.75 4.08
CA THR A 177 16.86 10.75 3.09
C THR A 177 17.91 9.85 3.68
N GLN A 178 19.03 10.44 4.08
CA GLN A 178 20.15 9.68 4.63
C GLN A 178 19.81 8.86 5.87
N ALA A 179 18.86 9.33 6.66
CA ALA A 179 18.48 8.60 7.85
C ALA A 179 17.74 7.32 7.46
N ILE A 180 16.90 7.41 6.43
CA ILE A 180 16.13 6.26 5.98
C ILE A 180 16.94 5.28 5.15
N VAL A 181 17.67 5.79 4.16
CA VAL A 181 18.49 4.95 3.28
C VAL A 181 19.43 4.07 4.09
N ALA A 182 19.81 4.58 5.26
CA ALA A 182 20.70 3.87 6.16
C ALA A 182 20.04 2.66 6.82
N ALA A 183 18.70 2.63 6.83
CA ALA A 183 17.93 1.54 7.43
C ALA A 183 18.64 0.17 7.39
N ASN A 184 19.17 -0.18 6.22
CA ASN A 184 19.89 -1.46 6.05
C ASN A 184 21.05 -1.29 5.07
N GLY A 188 18.93 -0.55 17.44
CA GLY A 188 17.88 0.42 17.17
C GLY A 188 18.43 1.71 16.55
N ALA A 189 19.32 1.58 15.56
CA ALA A 189 19.90 2.74 14.88
C ALA A 189 18.88 3.28 13.86
N THR A 190 17.96 2.40 13.49
CA THR A 190 16.89 2.69 12.54
C THR A 190 15.75 3.44 13.21
N THR A 191 16.00 3.97 14.40
CA THR A 191 14.98 4.72 15.12
C THR A 191 14.98 6.14 14.54
N GLY A 192 16.16 6.60 14.14
CA GLY A 192 16.27 7.91 13.54
C GLY A 192 15.59 7.80 12.19
N ALA A 193 15.35 6.56 11.79
CA ALA A 193 14.68 6.24 10.53
C ALA A 193 13.17 6.44 10.68
N LEU A 194 12.54 5.72 11.59
CA LEU A 194 11.10 5.87 11.78
C LEU A 194 10.80 7.35 11.93
N ASP A 195 11.72 8.05 12.57
CA ASP A 195 11.59 9.48 12.75
C ASP A 195 11.66 10.20 11.41
N ALA A 196 12.68 9.90 10.63
CA ALA A 196 12.84 10.53 9.32
C ALA A 196 11.60 10.34 8.46
N VAL A 197 11.10 9.10 8.42
CA VAL A 197 9.92 8.76 7.63
C VAL A 197 8.76 9.67 8.01
N GLY A 198 8.52 9.81 9.31
CA GLY A 198 7.45 10.66 9.77
C GLY A 198 7.68 12.09 9.28
N SER A 199 8.90 12.57 9.45
CA SER A 199 9.25 13.93 9.04
C SER A 199 9.01 14.09 7.53
N MET A 200 9.59 13.16 6.77
CA MET A 200 9.47 13.14 5.32
C MET A 200 7.97 13.17 5.00
N MET A 201 7.24 12.28 5.66
CA MET A 201 5.81 12.13 5.50
C MET A 201 5.04 13.45 5.55
N ALA A 202 5.18 14.13 6.68
CA ALA A 202 4.51 15.40 6.89
C ALA A 202 4.99 16.46 5.92
N TYR A 203 6.28 16.41 5.61
CA TYR A 203 6.83 17.38 4.68
C TYR A 203 6.06 17.39 3.37
N PHE A 204 5.95 16.21 2.76
CA PHE A 204 5.28 16.04 1.49
C PHE A 204 3.80 16.37 1.46
N THR A 205 3.06 16.03 2.50
CA THR A 205 1.65 16.37 2.55
C THR A 205 1.61 17.89 2.47
N GLY A 206 2.66 18.51 2.99
CA GLY A 206 2.74 19.95 2.93
C GLY A 206 3.04 20.35 1.50
N LEU A 207 4.13 19.82 0.95
CA LEU A 207 4.51 20.14 -0.42
C LEU A 207 3.32 19.93 -1.35
N ILE A 208 2.57 18.85 -1.13
CA ILE A 208 1.39 18.54 -1.93
C ILE A 208 0.44 19.73 -1.85
N GLU A 209 0.16 20.17 -0.63
CA GLU A 209 -0.71 21.31 -0.39
C GLU A 209 -0.19 22.51 -1.20
N ARG A 210 1.10 22.80 -1.07
CA ARG A 210 1.71 23.92 -1.77
C ARG A 210 1.50 23.83 -3.28
N ARG A 211 1.59 22.62 -3.82
CA ARG A 211 1.43 22.41 -5.26
C ARG A 211 0.02 22.62 -5.79
N ARG A 212 -0.98 22.53 -4.91
CA ARG A 212 -2.36 22.72 -5.31
C ARG A 212 -2.59 24.06 -6.01
N THR A 213 -1.73 25.03 -5.71
CA THR A 213 -1.87 26.37 -6.28
C THR A 213 -0.55 26.94 -6.78
N GLU A 214 0.54 26.25 -6.47
CA GLU A 214 1.86 26.69 -6.88
C GLU A 214 2.56 25.49 -7.49
N PRO A 215 2.03 24.99 -8.62
CA PRO A 215 2.61 23.83 -9.30
C PRO A 215 3.83 24.14 -10.13
N ALA A 216 4.70 23.16 -10.24
CA ALA A 216 5.91 23.28 -11.04
C ALA A 216 5.72 22.26 -12.14
N ASP A 217 6.81 21.62 -12.55
CA ASP A 217 6.73 20.60 -13.59
C ASP A 217 7.44 19.35 -13.11
N ASP A 218 7.46 19.18 -11.79
CA ASP A 218 8.06 18.00 -11.17
C ASP A 218 6.97 16.94 -11.15
N ALA A 219 7.35 15.67 -11.20
CA ALA A 219 6.40 14.57 -11.20
C ALA A 219 5.23 14.81 -10.26
N ILE A 220 5.52 15.12 -9.01
CA ILE A 220 4.48 15.35 -8.01
C ILE A 220 3.52 16.48 -8.38
N SER A 221 4.04 17.57 -8.92
CA SER A 221 3.16 18.67 -9.31
C SER A 221 2.15 18.19 -10.34
N HIS A 222 2.61 17.38 -11.29
CA HIS A 222 1.72 16.87 -12.32
C HIS A 222 0.63 15.95 -11.80
N LEU A 223 0.89 15.27 -10.68
CA LEU A 223 -0.12 14.39 -10.09
C LEU A 223 -1.13 15.24 -9.33
N VAL A 224 -0.63 16.22 -8.59
CA VAL A 224 -1.50 17.10 -7.82
C VAL A 224 -2.35 17.89 -8.81
N ALA A 225 -1.68 18.49 -9.79
CA ALA A 225 -2.34 19.28 -10.82
C ALA A 225 -3.36 18.44 -11.55
N ALA A 226 -3.12 17.14 -11.60
CA ALA A 226 -4.03 16.23 -12.28
C ALA A 226 -5.18 15.87 -11.37
N GLY A 227 -5.09 16.27 -10.11
CA GLY A 227 -6.17 15.98 -9.18
C GLY A 227 -5.93 14.89 -8.16
N VAL A 228 -4.86 14.12 -8.31
CA VAL A 228 -4.58 13.06 -7.34
C VAL A 228 -4.57 13.62 -5.91
N GLY A 229 -5.22 12.90 -4.99
CA GLY A 229 -5.27 13.33 -3.60
C GLY A 229 -5.99 14.65 -3.38
N ALA A 230 -6.85 15.00 -4.33
CA ALA A 230 -7.61 16.24 -4.27
C ALA A 230 -8.66 16.29 -3.15
N ASP A 231 -9.81 16.88 -3.48
CA ASP A 231 -10.95 17.06 -2.57
C ASP A 231 -11.27 15.89 -1.64
N GLY A 232 -10.42 15.65 -0.65
CA GLY A 232 -10.64 14.58 0.30
C GLY A 232 -10.03 13.22 -0.03
N ASP A 233 -9.86 12.94 -1.32
CA ASP A 233 -9.30 11.67 -1.79
C ASP A 233 -8.07 11.24 -1.02
N THR A 234 -8.31 10.54 0.09
CA THR A 234 -7.24 10.07 0.96
C THR A 234 -6.35 9.05 0.28
N ALA A 235 -6.95 8.06 -0.37
CA ALA A 235 -6.16 7.03 -1.05
C ALA A 235 -5.16 7.65 -2.01
N GLY A 236 -5.60 8.71 -2.71
CA GLY A 236 -4.72 9.38 -3.65
C GLY A 236 -3.49 9.94 -2.97
N THR A 237 -3.71 10.76 -1.95
CA THR A 237 -2.61 11.37 -1.23
C THR A 237 -1.67 10.27 -0.75
N LEU A 238 -2.24 9.20 -0.21
CA LEU A 238 -1.43 8.11 0.28
C LEU A 238 -0.54 7.52 -0.81
N SER A 239 -1.07 7.37 -2.02
CA SER A 239 -0.27 6.79 -3.09
C SER A 239 0.83 7.74 -3.57
N ILE A 240 0.58 9.05 -3.53
CA ILE A 240 1.62 10.00 -3.94
C ILE A 240 2.77 9.80 -2.97
N LEU A 241 2.42 9.65 -1.70
CA LEU A 241 3.42 9.41 -0.67
C LEU A 241 4.17 8.12 -0.97
N ALA A 242 3.43 7.04 -1.21
CA ALA A 242 4.07 5.75 -1.51
C ALA A 242 5.06 5.90 -2.65
N PHE A 243 4.72 6.75 -3.60
CA PHE A 243 5.57 6.99 -4.76
C PHE A 243 6.87 7.68 -4.33
N THR A 244 6.74 8.79 -3.62
CA THR A 244 7.92 9.52 -3.18
C THR A 244 8.86 8.69 -2.31
N PHE A 245 8.29 7.86 -1.43
CA PHE A 245 9.12 7.03 -0.58
C PHE A 245 9.79 5.96 -1.40
N THR A 246 9.14 5.55 -2.48
CA THR A 246 9.73 4.54 -3.34
C THR A 246 10.90 5.20 -4.08
N MET A 247 10.75 6.49 -4.39
CA MET A 247 11.81 7.22 -5.06
C MET A 247 12.96 7.47 -4.09
N VAL A 248 12.64 8.01 -2.92
CA VAL A 248 13.64 8.29 -1.90
C VAL A 248 14.46 7.03 -1.57
N THR A 249 13.79 5.90 -1.40
CA THR A 249 14.55 4.68 -1.09
C THR A 249 15.25 4.16 -2.34
N GLY A 250 14.49 3.58 -3.25
CA GLY A 250 15.05 3.01 -4.46
C GLY A 250 15.73 3.92 -5.47
N GLY A 251 15.14 5.08 -5.73
CA GLY A 251 15.73 6.00 -6.69
C GLY A 251 17.12 6.45 -6.27
N ASN A 252 17.35 6.41 -4.97
CA ASN A 252 18.61 6.81 -4.37
C ASN A 252 19.68 5.74 -4.43
N ASP A 253 19.40 4.57 -3.86
CA ASP A 253 20.43 3.55 -3.86
C ASP A 253 20.59 2.63 -5.07
N THR A 254 19.86 2.89 -6.15
CA THR A 254 20.04 2.08 -7.36
C THR A 254 21.19 2.78 -8.08
N VAL A 255 21.18 4.10 -8.00
CA VAL A 255 22.21 4.93 -8.61
C VAL A 255 23.52 4.68 -7.87
N THR A 256 23.42 4.55 -6.55
CA THR A 256 24.57 4.28 -5.70
C THR A 256 25.15 2.92 -6.07
N GLY A 257 24.26 1.96 -6.28
CA GLY A 257 24.70 0.63 -6.65
C GLY A 257 25.48 0.64 -7.97
N MET A 258 25.02 1.46 -8.91
CA MET A 258 25.67 1.55 -10.22
C MET A 258 27.05 2.16 -10.10
N LEU A 259 27.11 3.33 -9.48
CA LEU A 259 28.35 4.06 -9.28
C LEU A 259 29.35 3.24 -8.46
N GLY A 260 28.96 2.84 -7.25
CA GLY A 260 29.86 2.07 -6.42
C GLY A 260 30.27 0.76 -7.08
N GLY A 261 29.28 0.02 -7.57
CA GLY A 261 29.51 -1.25 -8.22
C GLY A 261 30.43 -1.18 -9.41
N SER A 262 30.48 -0.01 -10.05
CA SER A 262 31.35 0.19 -11.21
C SER A 262 32.83 0.28 -10.83
N MET A 263 33.11 0.84 -9.65
CA MET A 263 34.47 0.99 -9.15
C MET A 263 35.29 -0.30 -9.28
N PRO A 264 34.83 -1.39 -8.66
CA PRO A 264 35.60 -2.63 -8.79
C PRO A 264 35.75 -3.11 -10.23
N LEU A 265 34.70 -2.96 -11.04
CA LEU A 265 34.75 -3.39 -12.44
C LEU A 265 35.87 -2.68 -13.18
N LEU A 266 35.96 -1.36 -13.00
CA LEU A 266 36.98 -0.55 -13.65
C LEU A 266 38.37 -0.86 -13.10
N HIS A 267 38.47 -0.90 -11.77
CA HIS A 267 39.73 -1.20 -11.09
C HIS A 267 40.35 -2.45 -11.70
N ARG A 268 39.55 -3.51 -11.78
CA ARG A 268 39.98 -4.79 -12.33
C ARG A 268 40.53 -4.70 -13.75
N ARG A 269 40.29 -3.59 -14.43
CA ARG A 269 40.77 -3.45 -15.80
C ARG A 269 41.18 -2.04 -16.19
N PRO A 270 42.46 -1.72 -16.01
CA PRO A 270 42.99 -0.40 -16.33
C PRO A 270 43.10 -0.21 -17.83
N ASP A 271 43.06 -1.30 -18.60
CA ASP A 271 43.17 -1.19 -20.05
C ASP A 271 41.87 -0.59 -20.58
N GLN A 272 40.76 -0.98 -19.96
CA GLN A 272 39.44 -0.51 -20.31
C GLN A 272 39.31 0.95 -19.87
N ARG A 273 39.96 1.25 -18.76
CA ARG A 273 39.97 2.58 -18.19
C ARG A 273 40.84 3.47 -19.08
N ARG A 274 41.93 2.89 -19.58
CA ARG A 274 42.86 3.60 -20.45
C ARG A 274 42.18 4.02 -21.73
N LEU A 275 41.32 3.17 -22.27
CA LEU A 275 40.60 3.49 -23.48
C LEU A 275 39.83 4.79 -23.30
N LEU A 276 39.09 4.88 -22.19
CA LEU A 276 38.30 6.06 -21.89
C LEU A 276 39.18 7.26 -21.52
N LEU A 277 40.45 7.00 -21.20
CA LEU A 277 41.36 8.07 -20.83
C LEU A 277 41.86 8.80 -22.06
N ASP A 278 42.21 8.03 -23.10
CA ASP A 278 42.72 8.62 -24.34
C ASP A 278 41.57 9.10 -25.24
N ASP A 279 40.35 8.74 -24.88
CA ASP A 279 39.19 9.15 -25.65
C ASP A 279 37.93 9.20 -24.80
N PRO A 280 37.68 10.33 -24.15
CA PRO A 280 36.51 10.53 -23.29
C PRO A 280 35.17 10.32 -23.99
N GLU A 281 35.18 10.22 -25.32
CA GLU A 281 33.94 9.99 -26.06
C GLU A 281 33.34 8.65 -25.70
N GLY A 282 34.19 7.67 -25.43
CA GLY A 282 33.72 6.34 -25.08
C GLY A 282 32.94 6.27 -23.78
N ILE A 283 33.04 7.29 -22.93
CA ILE A 283 32.36 7.29 -21.64
C ILE A 283 30.86 6.95 -21.72
N PRO A 284 30.08 7.71 -22.51
CA PRO A 284 28.65 7.39 -22.60
C PRO A 284 28.41 5.91 -22.91
N ASP A 285 29.12 5.38 -23.91
CA ASP A 285 28.97 3.97 -24.23
C ASP A 285 29.42 3.13 -23.04
N ALA A 286 30.52 3.53 -22.41
CA ALA A 286 31.01 2.80 -21.24
C ALA A 286 29.90 2.72 -20.20
N VAL A 287 29.22 3.83 -19.92
CA VAL A 287 28.15 3.83 -18.94
C VAL A 287 27.18 2.70 -19.23
N GLU A 288 26.94 2.46 -20.51
CA GLU A 288 26.02 1.40 -20.90
C GLU A 288 26.53 0.03 -20.50
N GLU A 289 27.81 -0.22 -20.76
CA GLU A 289 28.44 -1.50 -20.42
C GLU A 289 28.48 -1.66 -18.90
N LEU A 290 28.73 -0.55 -18.20
CA LEU A 290 28.76 -0.57 -16.75
C LEU A 290 27.35 -0.90 -16.25
N LEU A 291 26.35 -0.27 -16.88
CA LEU A 291 24.97 -0.51 -16.48
C LEU A 291 24.63 -1.98 -16.64
N ARG A 292 25.07 -2.56 -17.74
CA ARG A 292 24.80 -3.97 -17.98
C ARG A 292 25.38 -4.85 -16.88
N LEU A 293 26.69 -4.71 -16.62
CA LEU A 293 27.37 -5.51 -15.60
C LEU A 293 26.94 -5.25 -14.15
N THR A 294 26.58 -4.02 -13.81
CA THR A 294 26.17 -3.74 -12.44
C THR A 294 24.73 -4.12 -12.13
N SER A 295 23.82 -3.89 -13.09
CA SER A 295 22.41 -4.21 -12.89
C SER A 295 21.94 -3.91 -11.47
N PRO A 296 22.04 -2.63 -11.05
CA PRO A 296 21.61 -2.22 -9.70
C PRO A 296 20.36 -2.99 -9.25
N VAL A 297 19.36 -3.11 -10.13
CA VAL A 297 18.17 -3.87 -9.79
C VAL A 297 18.43 -5.22 -10.40
N GLN A 298 19.08 -6.08 -9.63
CA GLN A 298 19.42 -7.42 -10.07
C GLN A 298 18.22 -8.26 -10.50
N GLY A 299 17.09 -8.04 -9.84
CA GLY A 299 15.92 -8.81 -10.18
C GLY A 299 14.66 -8.35 -9.48
N LEU A 300 13.54 -8.55 -10.15
CA LEU A 300 12.23 -8.23 -9.61
C LEU A 300 11.32 -9.37 -10.04
N ALA A 301 10.28 -9.61 -9.27
CA ALA A 301 9.38 -10.69 -9.56
C ALA A 301 8.10 -10.21 -10.20
N ARG A 302 7.35 -11.19 -10.72
CA ARG A 302 6.07 -10.96 -11.36
C ARG A 302 5.17 -12.11 -10.90
N THR A 303 3.88 -11.98 -11.15
CA THR A 303 2.92 -13.01 -10.80
C THR A 303 2.20 -13.41 -12.08
N THR A 304 2.20 -14.70 -12.40
CA THR A 304 1.53 -15.16 -13.61
C THR A 304 0.04 -14.94 -13.45
N THR A 305 -0.62 -14.64 -14.56
CA THR A 305 -2.06 -14.41 -14.56
C THR A 305 -2.76 -15.54 -15.32
N ARG A 306 -2.05 -16.65 -15.49
CA ARG A 306 -2.58 -17.82 -16.17
C ARG A 306 -1.45 -18.80 -16.34
N ASP A 307 -1.79 -20.09 -16.42
CA ASP A 307 -0.75 -21.09 -16.61
C ASP A 307 0.08 -20.69 -17.83
N VAL A 308 1.39 -20.65 -17.67
CA VAL A 308 2.28 -20.29 -18.76
C VAL A 308 3.42 -21.29 -18.87
N THR A 309 3.79 -21.61 -20.10
CA THR A 309 4.83 -22.57 -20.33
C THR A 309 6.07 -22.00 -20.98
N ILE A 310 7.20 -22.17 -20.30
CA ILE A 310 8.49 -21.70 -20.79
C ILE A 310 9.28 -22.98 -20.95
N GLY A 311 9.91 -23.15 -22.10
CA GLY A 311 10.67 -24.36 -22.33
C GLY A 311 9.79 -25.58 -22.11
N ASP A 312 10.15 -26.37 -21.12
CA ASP A 312 9.40 -27.58 -20.81
C ASP A 312 8.78 -27.50 -19.41
N THR A 313 8.86 -26.32 -18.82
CA THR A 313 8.28 -26.09 -17.49
C THR A 313 7.01 -25.26 -17.62
N THR A 314 6.00 -25.62 -16.84
CA THR A 314 4.75 -24.90 -16.90
C THR A 314 4.41 -24.29 -15.57
N ILE A 315 4.70 -23.00 -15.45
CA ILE A 315 4.44 -22.26 -14.23
C ILE A 315 2.95 -22.02 -14.03
N PRO A 316 2.36 -22.66 -13.02
CA PRO A 316 0.93 -22.53 -12.72
C PRO A 316 0.56 -21.06 -12.56
N ALA A 317 -0.68 -20.73 -12.87
CA ALA A 317 -1.13 -19.36 -12.71
C ALA A 317 -1.09 -18.98 -11.24
N GLY A 318 -1.03 -17.68 -10.97
CA GLY A 318 -1.03 -17.22 -9.59
C GLY A 318 0.32 -17.37 -8.93
N ARG A 319 1.27 -18.01 -9.61
CA ARG A 319 2.62 -18.21 -9.07
C ARG A 319 3.53 -17.01 -9.32
N ARG A 320 4.47 -16.79 -8.41
CA ARG A 320 5.37 -15.66 -8.53
C ARG A 320 6.63 -16.08 -9.28
N VAL A 321 7.11 -15.21 -10.17
CA VAL A 321 8.31 -15.50 -10.94
C VAL A 321 9.32 -14.35 -10.86
N LEU A 322 10.53 -14.69 -10.42
CA LEU A 322 11.61 -13.72 -10.28
C LEU A 322 12.39 -13.58 -11.57
N LEU A 323 12.40 -12.37 -12.12
CA LEU A 323 13.13 -12.11 -13.36
C LEU A 323 14.53 -11.57 -13.03
N LEU A 324 15.52 -12.44 -13.17
CA LEU A 324 16.91 -12.09 -12.87
C LEU A 324 17.54 -11.16 -13.91
N TYR A 325 17.21 -9.88 -13.85
CA TYR A 325 17.77 -8.92 -14.78
C TYR A 325 19.31 -9.00 -14.80
N GLY A 326 19.90 -9.10 -13.61
CA GLY A 326 21.35 -9.20 -13.50
C GLY A 326 21.90 -10.40 -14.24
N SER A 327 21.20 -11.53 -14.20
CA SER A 327 21.66 -12.73 -14.90
C SER A 327 21.46 -12.56 -16.40
N ALA A 328 20.36 -11.90 -16.76
CA ALA A 328 20.02 -11.65 -18.15
C ALA A 328 21.12 -10.82 -18.82
N ASN A 329 21.53 -9.74 -18.16
CA ASN A 329 22.55 -8.89 -18.73
C ASN A 329 23.89 -9.61 -18.88
N ARG A 330 24.03 -10.75 -18.21
CA ARG A 330 25.28 -11.53 -18.26
C ARG A 330 25.17 -12.82 -19.06
N ASP A 331 24.00 -13.04 -19.67
CA ASP A 331 23.74 -14.23 -20.47
C ASP A 331 24.66 -14.30 -21.69
N GLU A 332 25.49 -15.34 -21.77
CA GLU A 332 26.41 -15.50 -22.89
C GLU A 332 25.66 -15.59 -24.23
N ARG A 333 24.45 -16.14 -24.19
CA ARG A 333 23.63 -16.30 -25.36
C ARG A 333 23.34 -14.96 -26.04
N GLN A 334 23.06 -13.94 -25.23
CA GLN A 334 22.76 -12.62 -25.76
C GLN A 334 23.99 -11.78 -26.09
N TYR A 335 24.99 -11.81 -25.22
CA TYR A 335 26.17 -10.99 -25.42
C TYR A 335 27.49 -11.61 -25.84
N GLY A 336 27.48 -12.91 -26.15
CA GLY A 336 28.69 -13.57 -26.57
C GLY A 336 29.47 -14.26 -25.45
N PRO A 337 30.60 -14.90 -25.80
CA PRO A 337 31.49 -15.61 -24.88
C PRO A 337 32.00 -14.80 -23.70
N ASP A 338 32.38 -13.56 -23.95
CA ASP A 338 32.91 -12.67 -22.92
C ASP A 338 31.85 -11.90 -22.13
N ALA A 339 30.62 -12.39 -22.15
CA ALA A 339 29.53 -11.72 -21.45
C ALA A 339 29.92 -11.29 -20.05
N ALA A 340 30.70 -12.12 -19.37
CA ALA A 340 31.13 -11.84 -18.01
C ALA A 340 32.17 -10.72 -17.87
N GLU A 341 32.85 -10.38 -18.95
CA GLU A 341 33.89 -9.35 -18.89
C GLU A 341 33.47 -7.92 -19.22
N LEU A 342 34.31 -6.97 -18.85
CA LEU A 342 34.05 -5.56 -19.11
C LEU A 342 34.62 -5.17 -20.46
N ASP A 343 33.80 -4.52 -21.28
CA ASP A 343 34.20 -4.05 -22.60
C ASP A 343 33.52 -2.71 -22.89
N VAL A 344 34.14 -1.61 -22.47
CA VAL A 344 33.56 -0.29 -22.67
C VAL A 344 33.21 0.06 -24.10
N THR A 345 33.62 -0.77 -25.05
CA THR A 345 33.29 -0.51 -26.44
C THR A 345 32.18 -1.45 -26.91
N ARG A 346 31.84 -2.42 -26.07
CA ARG A 346 30.80 -3.39 -26.39
C ARG A 346 29.51 -2.80 -26.96
N CYS A 347 29.08 -1.67 -26.42
CA CYS A 347 27.84 -1.02 -26.86
C CYS A 347 26.74 -2.05 -26.88
N PRO A 348 26.41 -2.60 -25.69
CA PRO A 348 25.40 -3.62 -25.46
C PRO A 348 23.98 -3.20 -25.81
N ARG A 349 23.30 -4.06 -26.56
CA ARG A 349 21.93 -3.79 -26.96
C ARG A 349 20.97 -4.73 -26.25
N ASN A 350 19.83 -4.17 -25.86
CA ASN A 350 18.74 -4.91 -25.21
C ASN A 350 19.00 -5.19 -23.74
N ILE A 351 19.74 -4.32 -23.05
CA ILE A 351 20.00 -4.60 -21.63
C ILE A 351 18.73 -4.46 -20.79
N LEU A 352 18.65 -5.23 -19.71
CA LEU A 352 17.49 -5.18 -18.85
C LEU A 352 17.68 -4.33 -17.59
N THR A 353 18.81 -3.63 -17.51
CA THR A 353 19.07 -2.80 -16.35
C THR A 353 17.90 -1.92 -15.95
N PHE A 354 17.11 -1.49 -16.92
CA PHE A 354 15.96 -0.63 -16.62
C PHE A 354 14.66 -1.35 -16.97
N SER A 355 14.79 -2.63 -17.29
CA SER A 355 13.66 -3.46 -17.66
C SER A 355 13.19 -3.14 -19.08
N HIS A 356 12.03 -3.64 -19.45
CA HIS A 356 11.47 -3.40 -20.78
C HIS A 356 9.98 -3.56 -20.77
N GLY A 357 9.29 -2.60 -21.39
CA GLY A 357 7.85 -2.71 -21.43
C GLY A 357 7.19 -1.60 -20.67
N ALA A 358 5.98 -1.85 -20.20
CA ALA A 358 5.18 -0.86 -19.49
C ALA A 358 5.83 -0.12 -18.34
N HIS A 359 6.83 -0.72 -17.68
CA HIS A 359 7.45 -0.05 -16.55
C HIS A 359 8.87 0.40 -16.74
N HIS A 360 9.34 0.35 -17.99
CA HIS A 360 10.70 0.76 -18.31
C HIS A 360 10.97 2.04 -17.55
N CYS A 361 11.98 2.00 -16.70
CA CYS A 361 12.38 3.11 -15.84
C CYS A 361 12.28 4.52 -16.39
N LEU A 362 11.57 5.37 -15.66
CA LEU A 362 11.40 6.77 -16.06
C LEU A 362 12.66 7.60 -15.86
N GLY A 363 13.48 7.22 -14.89
CA GLY A 363 14.68 7.98 -14.64
C GLY A 363 15.93 7.39 -15.28
N ALA A 364 15.77 6.54 -16.28
CA ALA A 364 16.94 5.93 -16.91
C ALA A 364 17.91 6.97 -17.43
N ALA A 365 17.39 8.08 -17.95
CA ALA A 365 18.24 9.12 -18.50
C ALA A 365 18.86 9.95 -17.37
N ALA A 366 18.22 9.95 -16.21
CA ALA A 366 18.73 10.69 -15.06
C ALA A 366 19.90 9.90 -14.47
N ALA A 367 19.72 8.59 -14.36
CA ALA A 367 20.76 7.73 -13.82
C ALA A 367 21.96 7.78 -14.75
N ARG A 368 21.69 7.63 -16.04
CA ARG A 368 22.72 7.64 -17.07
C ARG A 368 23.51 8.92 -17.04
N MET A 369 22.83 10.03 -16.79
CA MET A 369 23.49 11.32 -16.73
C MET A 369 24.45 11.30 -15.55
N GLN A 370 23.96 10.89 -14.38
CA GLN A 370 24.76 10.82 -13.17
C GLN A 370 25.97 9.93 -13.38
N CYS A 371 25.78 8.75 -13.96
CA CYS A 371 26.90 7.86 -14.19
C CYS A 371 27.93 8.56 -15.09
N ARG A 372 27.46 9.18 -16.16
CA ARG A 372 28.35 9.88 -17.10
C ARG A 372 29.16 10.98 -16.40
N VAL A 373 28.47 11.90 -15.74
CA VAL A 373 29.17 12.99 -15.05
C VAL A 373 30.19 12.41 -14.08
N ALA A 374 29.74 11.53 -13.20
CA ALA A 374 30.63 10.92 -12.22
C ALA A 374 31.86 10.28 -12.87
N LEU A 375 31.64 9.27 -13.71
CA LEU A 375 32.73 8.58 -14.37
C LEU A 375 33.66 9.52 -15.13
N THR A 376 33.09 10.55 -15.77
CA THR A 376 33.90 11.50 -16.53
C THR A 376 34.81 12.26 -15.59
N GLU A 377 34.24 12.87 -14.55
CA GLU A 377 35.04 13.62 -13.59
C GLU A 377 36.09 12.73 -12.93
N LEU A 378 35.68 11.55 -12.50
CA LEU A 378 36.60 10.61 -11.86
C LEU A 378 37.81 10.33 -12.74
N LEU A 379 37.56 9.89 -13.97
CA LEU A 379 38.64 9.58 -14.91
C LEU A 379 39.53 10.77 -15.25
N ALA A 380 39.00 11.98 -15.08
CA ALA A 380 39.74 13.18 -15.39
C ALA A 380 40.67 13.57 -14.26
N ARG A 381 40.16 13.52 -13.04
CA ARG A 381 40.91 13.90 -11.85
C ARG A 381 41.63 12.80 -11.08
N CYS A 382 41.21 11.55 -11.25
CA CYS A 382 41.85 10.44 -10.52
C CYS A 382 42.16 9.29 -11.44
N PRO A 383 42.81 9.57 -12.57
CA PRO A 383 43.22 8.64 -13.61
C PRO A 383 43.84 7.32 -13.15
N ASP A 384 44.36 7.29 -11.94
CA ASP A 384 45.01 6.07 -11.47
C ASP A 384 44.51 5.61 -10.11
N PHE A 385 43.21 5.77 -9.89
CA PHE A 385 42.62 5.36 -8.62
C PHE A 385 42.74 3.85 -8.41
N GLU A 386 42.54 3.44 -7.16
CA GLU A 386 42.57 2.03 -6.80
C GLU A 386 41.46 1.70 -5.83
N VAL A 387 41.04 0.44 -5.87
CA VAL A 387 39.98 -0.03 -5.03
C VAL A 387 40.41 -1.26 -4.25
N ALA A 388 40.19 -1.21 -2.94
CA ALA A 388 40.52 -2.33 -2.06
C ALA A 388 39.29 -3.23 -2.05
N GLU A 389 39.10 -3.98 -3.13
CA GLU A 389 37.94 -4.85 -3.25
C GLU A 389 37.62 -5.64 -2.00
N SER A 390 38.60 -6.40 -1.53
CA SER A 390 38.46 -7.21 -0.33
C SER A 390 37.79 -6.49 0.83
N ARG A 391 37.94 -5.18 0.89
CA ARG A 391 37.37 -4.41 1.98
C ARG A 391 36.09 -3.67 1.60
N ILE A 392 35.42 -4.14 0.55
CA ILE A 392 34.17 -3.54 0.10
C ILE A 392 33.02 -4.17 0.85
N VAL A 393 32.06 -3.35 1.26
CA VAL A 393 30.88 -3.81 2.01
C VAL A 393 29.61 -3.67 1.18
N TRP A 394 28.80 -4.72 1.18
CA TRP A 394 27.54 -4.70 0.43
C TRP A 394 26.31 -4.58 1.29
N SER A 395 25.34 -3.79 0.82
CA SER A 395 24.09 -3.59 1.57
C SER A 395 23.29 -4.89 1.59
N GLY A 396 22.33 -4.96 2.50
CA GLY A 396 21.50 -6.15 2.59
C GLY A 396 20.40 -6.05 1.55
N GLY A 397 19.50 -7.02 1.55
CA GLY A 397 18.41 -7.01 0.58
C GLY A 397 18.71 -7.96 -0.54
N SER A 398 17.68 -8.55 -1.13
CA SER A 398 17.91 -9.52 -2.21
C SER A 398 17.64 -9.01 -3.60
N TYR A 399 17.12 -7.79 -3.73
CA TYR A 399 16.77 -7.26 -5.04
C TYR A 399 17.67 -6.16 -5.61
N VAL A 400 18.09 -5.21 -4.78
CA VAL A 400 18.97 -4.15 -5.26
C VAL A 400 20.39 -4.33 -4.72
N ARG A 401 21.35 -4.50 -5.65
CA ARG A 401 22.75 -4.72 -5.33
C ARG A 401 23.61 -3.46 -5.30
N ARG A 402 23.80 -2.91 -4.10
CA ARG A 402 24.61 -1.71 -3.93
C ARG A 402 25.63 -1.90 -2.80
N PRO A 403 26.77 -1.22 -2.90
CA PRO A 403 27.84 -1.29 -1.90
C PRO A 403 27.65 -0.18 -0.86
N LEU A 404 27.93 -0.49 0.40
CA LEU A 404 27.81 0.48 1.50
C LEU A 404 29.12 1.22 1.61
N SER A 405 30.20 0.48 1.39
CA SER A 405 31.53 1.03 1.49
C SER A 405 32.43 0.57 0.36
N VAL A 406 33.18 1.51 -0.20
CA VAL A 406 34.13 1.21 -1.25
C VAL A 406 35.43 1.96 -1.01
N PRO A 407 36.42 1.28 -0.40
CA PRO A 407 37.74 1.82 -0.09
C PRO A 407 38.39 2.33 -1.37
N PHE A 408 38.40 3.64 -1.50
CA PHE A 408 38.96 4.33 -2.66
C PHE A 408 40.31 4.90 -2.30
N ARG A 409 41.14 5.17 -3.29
CA ARG A 409 42.44 5.75 -3.03
C ARG A 409 43.17 6.14 -4.31
N VAL A 410 43.29 7.44 -4.57
CA VAL A 410 43.98 7.91 -5.75
C VAL A 410 45.47 7.68 -5.55
N THR A 411 46.12 6.86 -6.38
CA THR A 411 47.55 6.62 -6.23
C THR A 411 48.31 7.89 -6.65
N SER A 412 47.69 9.02 -6.33
CA SER A 412 48.22 10.38 -6.56
C SER A 412 47.50 11.24 -5.52
N SER A 413 48.26 12.04 -4.77
CA SER A 413 47.65 12.86 -3.74
C SER A 413 47.72 14.36 -4.00
N ARG A 414 47.32 15.15 -3.00
CA ARG A 414 47.32 16.60 -3.11
C ARG A 414 46.43 17.03 -4.26
N HIS B 14 -36.64 -1.18 -9.04
CA HIS B 14 -35.76 -0.67 -10.13
C HIS B 14 -34.52 -1.58 -10.33
N GLU B 15 -33.75 -1.33 -11.39
CA GLU B 15 -32.55 -2.13 -11.68
C GLU B 15 -31.38 -1.79 -10.75
N PHE B 16 -30.46 -2.74 -10.58
CA PHE B 16 -29.31 -2.54 -9.69
C PHE B 16 -28.39 -1.42 -10.12
N GLN B 17 -27.71 -0.82 -9.14
CA GLN B 17 -26.74 0.24 -9.38
C GLN B 17 -26.04 0.60 -8.07
N LEU B 18 -24.74 0.86 -8.16
CA LEU B 18 -23.98 1.23 -6.98
C LEU B 18 -24.62 2.44 -6.33
N ALA B 19 -24.76 2.37 -5.01
CA ALA B 19 -25.39 3.43 -4.25
C ALA B 19 -24.67 4.78 -4.23
N THR B 20 -25.45 5.82 -3.97
CA THR B 20 -24.94 7.18 -3.86
C THR B 20 -25.67 7.79 -2.67
N ALA B 21 -25.22 8.95 -2.23
CA ALA B 21 -25.84 9.61 -1.09
C ALA B 21 -27.35 9.80 -1.25
N GLU B 22 -27.82 9.99 -2.48
CA GLU B 22 -29.23 10.20 -2.75
C GLU B 22 -30.00 8.90 -2.95
N THR B 23 -29.29 7.79 -3.03
CA THR B 23 -29.98 6.52 -3.22
C THR B 23 -29.88 5.65 -1.97
N TRP B 24 -29.07 6.10 -1.02
CA TRP B 24 -28.89 5.37 0.24
C TRP B 24 -30.12 5.37 1.15
N PRO B 25 -31.02 6.37 1.01
CA PRO B 25 -32.21 6.40 1.87
C PRO B 25 -33.04 5.12 1.84
N ASN B 26 -33.11 4.46 0.68
CA ASN B 26 -33.93 3.26 0.57
C ASN B 26 -33.52 2.25 -0.52
N PRO B 27 -32.49 1.43 -0.24
CA PRO B 27 -32.04 0.45 -1.22
C PRO B 27 -32.81 -0.86 -1.13
N TRP B 28 -33.50 -1.04 0.00
CA TRP B 28 -34.25 -2.25 0.31
C TRP B 28 -35.07 -2.85 -0.84
N PRO B 29 -35.81 -2.02 -1.59
CA PRO B 29 -36.63 -2.51 -2.70
C PRO B 29 -35.77 -3.12 -3.82
N MET B 30 -34.68 -2.46 -4.14
CA MET B 30 -33.77 -2.93 -5.17
C MET B 30 -33.18 -4.28 -4.77
N TYR B 31 -32.92 -4.45 -3.48
CA TYR B 31 -32.37 -5.71 -2.98
C TYR B 31 -33.37 -6.83 -3.15
N ARG B 32 -34.60 -6.58 -2.69
CA ARG B 32 -35.69 -7.55 -2.79
C ARG B 32 -35.72 -8.02 -4.24
N ALA B 33 -35.83 -7.04 -5.14
CA ALA B 33 -35.85 -7.27 -6.58
C ALA B 33 -34.77 -8.28 -6.96
N LEU B 34 -33.52 -7.97 -6.60
CA LEU B 34 -32.41 -8.85 -6.91
C LEU B 34 -32.58 -10.25 -6.28
N ARG B 35 -32.86 -10.30 -4.99
CA ARG B 35 -33.02 -11.58 -4.33
C ARG B 35 -34.09 -12.44 -4.97
N ASP B 36 -35.18 -11.78 -5.34
CA ASP B 36 -36.32 -12.47 -5.93
C ASP B 36 -36.19 -12.78 -7.41
N HIS B 37 -35.63 -11.87 -8.19
CA HIS B 37 -35.53 -12.09 -9.62
C HIS B 37 -34.15 -12.28 -10.23
N ASP B 38 -33.10 -11.84 -9.55
CA ASP B 38 -31.77 -12.02 -10.11
C ASP B 38 -30.72 -12.22 -9.03
N PRO B 39 -30.73 -13.39 -8.39
CA PRO B 39 -29.81 -13.79 -7.32
C PRO B 39 -28.36 -13.55 -7.69
N VAL B 40 -27.99 -13.98 -8.89
CA VAL B 40 -26.63 -13.82 -9.39
C VAL B 40 -26.71 -12.84 -10.55
N HIS B 41 -26.90 -11.57 -10.20
CA HIS B 41 -27.03 -10.48 -11.16
C HIS B 41 -25.73 -10.12 -11.89
N HIS B 42 -25.82 -9.93 -13.21
CA HIS B 42 -24.66 -9.59 -14.04
C HIS B 42 -24.70 -8.12 -14.45
N VAL B 43 -23.63 -7.40 -14.13
CA VAL B 43 -23.56 -5.98 -14.49
C VAL B 43 -22.55 -5.82 -15.60
N VAL B 44 -23.01 -5.24 -16.70
CA VAL B 44 -22.16 -5.02 -17.86
C VAL B 44 -22.17 -3.53 -18.21
N PRO B 45 -21.11 -2.82 -17.82
CA PRO B 45 -20.99 -1.38 -18.08
C PRO B 45 -20.91 -1.12 -19.58
N PRO B 46 -21.87 -0.36 -20.11
CA PRO B 46 -21.89 -0.04 -21.55
C PRO B 46 -20.55 0.48 -22.08
N GLN B 47 -19.91 1.37 -21.32
CA GLN B 47 -18.63 1.97 -21.72
C GLN B 47 -17.52 0.94 -21.66
N ARG B 48 -17.60 0.02 -20.71
CA ARG B 48 -16.57 -1.00 -20.56
C ARG B 48 -17.14 -2.38 -20.29
N PRO B 49 -17.63 -3.05 -21.33
CA PRO B 49 -18.19 -4.38 -21.08
C PRO B 49 -17.19 -5.37 -20.46
N GLU B 50 -15.88 -5.10 -20.58
CA GLU B 50 -14.87 -5.98 -19.98
C GLU B 50 -14.83 -5.80 -18.46
N TYR B 51 -15.10 -4.58 -17.99
CA TYR B 51 -15.08 -4.31 -16.57
C TYR B 51 -16.41 -4.73 -15.97
N ASP B 52 -16.91 -5.88 -16.40
CA ASP B 52 -18.18 -6.41 -15.92
C ASP B 52 -18.00 -7.21 -14.64
N TYR B 53 -19.09 -7.37 -13.89
CA TYR B 53 -19.07 -8.13 -12.62
C TYR B 53 -20.44 -8.67 -12.22
N TYR B 54 -20.46 -9.42 -11.12
CA TYR B 54 -21.69 -10.02 -10.63
C TYR B 54 -22.04 -9.52 -9.22
N VAL B 55 -23.32 -9.65 -8.86
CA VAL B 55 -23.80 -9.20 -7.57
C VAL B 55 -24.65 -10.27 -6.89
N LEU B 56 -24.14 -10.86 -5.82
CA LEU B 56 -24.89 -11.87 -5.07
C LEU B 56 -25.74 -11.13 -4.03
N SER B 57 -27.02 -11.49 -3.92
CA SER B 57 -27.89 -10.79 -2.98
C SER B 57 -28.63 -11.67 -1.97
N ARG B 58 -28.62 -12.98 -2.18
CA ARG B 58 -29.29 -13.89 -1.27
C ARG B 58 -28.39 -14.35 -0.15
N HIS B 59 -28.94 -14.39 1.06
CA HIS B 59 -28.19 -14.79 2.25
C HIS B 59 -27.37 -16.07 2.10
N ALA B 60 -27.99 -17.10 1.52
CA ALA B 60 -27.31 -18.37 1.34
C ALA B 60 -26.06 -18.27 0.49
N ASP B 61 -26.14 -17.49 -0.58
CA ASP B 61 -25.01 -17.34 -1.48
C ASP B 61 -23.91 -16.46 -0.88
N VAL B 62 -24.28 -15.27 -0.42
CA VAL B 62 -23.31 -14.37 0.19
C VAL B 62 -22.59 -15.10 1.33
N TRP B 63 -23.35 -15.81 2.16
CA TRP B 63 -22.77 -16.56 3.27
C TRP B 63 -21.75 -17.58 2.78
N SER B 64 -22.12 -18.35 1.76
CA SER B 64 -21.21 -19.36 1.25
C SER B 64 -20.01 -18.72 0.55
N ALA B 65 -20.26 -17.60 -0.13
CA ALA B 65 -19.19 -16.89 -0.84
C ALA B 65 -18.13 -16.43 0.16
N ALA B 66 -18.56 -15.72 1.20
CA ALA B 66 -17.66 -15.22 2.22
C ALA B 66 -16.86 -16.34 2.87
N ARG B 67 -17.52 -17.45 3.16
CA ARG B 67 -16.83 -18.56 3.80
C ARG B 67 -15.77 -19.19 2.89
N ASP B 68 -15.99 -19.16 1.57
CA ASP B 68 -15.04 -19.77 0.64
C ASP B 68 -14.04 -18.78 0.04
N HIS B 69 -13.01 -18.47 0.84
CA HIS B 69 -11.97 -17.50 0.44
C HIS B 69 -11.04 -17.99 -0.66
N GLN B 70 -10.83 -19.30 -0.71
CA GLN B 70 -9.98 -19.86 -1.74
C GLN B 70 -10.59 -19.60 -3.11
N THR B 71 -11.92 -19.55 -3.19
CA THR B 71 -12.60 -19.31 -4.46
C THR B 71 -12.89 -17.83 -4.69
N PHE B 72 -13.34 -17.16 -3.64
CA PHE B 72 -13.64 -15.73 -3.72
C PHE B 72 -12.59 -14.97 -2.91
N SER B 73 -11.52 -14.58 -3.60
CA SER B 73 -10.40 -13.88 -3.01
C SER B 73 -10.64 -12.42 -2.73
N SER B 74 -9.89 -11.89 -1.76
CA SER B 74 -10.00 -10.49 -1.36
C SER B 74 -8.78 -9.69 -1.82
N ALA B 75 -7.71 -10.40 -2.15
CA ALA B 75 -6.46 -9.79 -2.57
C ALA B 75 -6.43 -9.06 -3.89
N GLN B 76 -7.59 -8.78 -4.48
CA GLN B 76 -7.60 -8.07 -5.77
C GLN B 76 -8.21 -6.71 -5.59
N GLY B 77 -8.92 -6.54 -4.49
CA GLY B 77 -9.57 -5.28 -4.23
C GLY B 77 -10.87 -5.67 -3.60
N LEU B 78 -11.62 -4.71 -3.09
CA LEU B 78 -12.89 -5.04 -2.46
C LEU B 78 -13.97 -4.22 -3.11
N THR B 79 -13.67 -3.71 -4.30
CA THR B 79 -14.64 -2.92 -5.05
C THR B 79 -14.90 -3.59 -6.37
N VAL B 80 -16.02 -3.23 -6.99
CA VAL B 80 -16.40 -3.82 -8.27
C VAL B 80 -15.64 -3.14 -9.42
N ASN B 81 -14.87 -2.11 -9.08
CA ASN B 81 -14.10 -1.36 -10.09
C ASN B 81 -12.68 -1.89 -10.34
N TYR B 82 -12.51 -2.59 -11.46
CA TYR B 82 -11.23 -3.19 -11.85
C TYR B 82 -10.12 -2.15 -11.94
N GLY B 83 -10.50 -0.90 -12.20
CA GLY B 83 -9.52 0.16 -12.31
C GLY B 83 -9.52 1.00 -11.05
N GLU B 84 -9.76 0.36 -9.92
CA GLU B 84 -9.81 1.06 -8.65
C GLU B 84 -8.49 1.75 -8.29
N LEU B 85 -7.38 1.06 -8.49
CA LEU B 85 -6.07 1.61 -8.15
C LEU B 85 -5.48 2.59 -9.15
N GLU B 86 -6.34 3.23 -9.93
CA GLU B 86 -5.87 4.21 -10.90
C GLU B 86 -5.92 5.57 -10.21
N MET B 87 -4.76 6.17 -10.00
CA MET B 87 -4.65 7.47 -9.34
C MET B 87 -5.59 8.56 -9.86
N ILE B 88 -6.15 8.36 -11.05
CA ILE B 88 -7.08 9.32 -11.66
C ILE B 88 -7.87 10.13 -10.64
N GLY B 89 -8.73 9.47 -9.86
CA GLY B 89 -9.50 10.18 -8.86
C GLY B 89 -10.70 9.40 -8.36
N LEU B 90 -11.33 9.90 -7.29
CA LEU B 90 -12.51 9.24 -6.71
C LEU B 90 -12.13 7.80 -6.37
N HIS B 91 -11.70 7.59 -5.13
CA HIS B 91 -11.30 6.26 -4.71
C HIS B 91 -12.18 5.72 -3.60
N ASP B 92 -13.40 5.35 -3.94
CA ASP B 92 -14.31 4.78 -2.95
C ASP B 92 -13.83 3.37 -2.63
N THR B 93 -12.82 3.27 -1.78
CA THR B 93 -12.23 2.00 -1.42
C THR B 93 -11.39 2.05 -0.14
N PRO B 94 -11.34 0.94 0.61
CA PRO B 94 -10.55 0.93 1.83
C PRO B 94 -9.10 1.28 1.53
N PRO B 95 -8.47 2.11 2.37
CA PRO B 95 -7.08 2.59 2.27
C PRO B 95 -6.00 1.51 2.19
N MET B 96 -6.41 0.27 1.98
CA MET B 96 -5.49 -0.87 1.87
C MET B 96 -6.30 -2.15 1.77
N VAL B 97 -5.70 -3.21 1.23
CA VAL B 97 -6.44 -4.47 1.10
C VAL B 97 -5.75 -5.72 1.65
N MET B 98 -6.54 -6.49 2.38
CA MET B 98 -6.10 -7.73 3.02
C MET B 98 -5.87 -8.85 2.03
N GLN B 99 -4.98 -9.77 2.36
CA GLN B 99 -4.71 -10.91 1.49
C GLN B 99 -5.58 -12.04 2.04
N ASP B 100 -5.54 -13.21 1.40
CA ASP B 100 -6.33 -14.35 1.88
C ASP B 100 -5.37 -15.34 2.51
N PRO B 101 -5.90 -16.36 3.19
CA PRO B 101 -4.99 -17.33 3.79
C PRO B 101 -4.16 -17.97 2.68
N PRO B 102 -2.97 -18.52 3.00
CA PRO B 102 -2.30 -18.64 4.30
C PRO B 102 -1.76 -17.29 4.74
N VAL B 103 -1.38 -16.48 3.77
CA VAL B 103 -0.81 -15.16 4.02
C VAL B 103 -1.51 -14.37 5.14
N HIS B 104 -2.83 -14.21 5.03
CA HIS B 104 -3.60 -13.45 6.02
C HIS B 104 -3.55 -14.04 7.42
N THR B 105 -3.57 -15.37 7.48
CA THR B 105 -3.56 -16.11 8.74
C THR B 105 -2.61 -15.54 9.80
N GLU B 106 -1.36 -15.30 9.43
CA GLU B 106 -0.38 -14.76 10.36
C GLU B 106 -0.75 -13.35 10.81
N PHE B 107 -0.99 -12.47 9.84
CA PHE B 107 -1.35 -11.10 10.17
C PHE B 107 -2.51 -11.11 11.15
N ARG B 108 -3.62 -11.69 10.72
CA ARG B 108 -4.81 -11.76 11.54
C ARG B 108 -4.52 -12.28 12.95
N LYS B 109 -3.65 -13.28 13.04
CA LYS B 109 -3.28 -13.86 14.34
C LYS B 109 -2.67 -12.85 15.29
N LEU B 110 -1.76 -12.02 14.77
CA LEU B 110 -1.13 -11.02 15.59
C LEU B 110 -2.11 -9.91 15.94
N VAL B 111 -2.70 -9.28 14.94
CA VAL B 111 -3.63 -8.18 15.17
C VAL B 111 -4.78 -8.55 16.10
N SER B 112 -5.19 -9.81 16.07
CA SER B 112 -6.29 -10.25 16.92
C SER B 112 -5.96 -10.17 18.41
N ARG B 113 -4.68 -10.04 18.74
CA ARG B 113 -4.27 -9.95 20.14
C ARG B 113 -4.60 -8.57 20.68
N GLY B 114 -4.95 -7.65 19.79
CA GLY B 114 -5.30 -6.31 20.20
C GLY B 114 -6.80 -6.22 20.29
N PHE B 115 -7.45 -7.33 19.94
CA PHE B 115 -8.92 -7.46 19.97
C PHE B 115 -9.27 -8.63 20.86
N THR B 116 -9.00 -8.45 22.16
CA THR B 116 -9.27 -9.46 23.18
C THR B 116 -10.43 -9.00 24.01
N PRO B 117 -10.97 -9.88 24.85
CA PRO B 117 -12.09 -9.48 25.70
C PRO B 117 -11.66 -8.37 26.67
N ARG B 118 -10.47 -8.52 27.23
CA ARG B 118 -9.94 -7.52 28.16
C ARG B 118 -9.94 -6.17 27.50
N GLN B 119 -9.64 -6.17 26.21
CA GLN B 119 -9.57 -4.94 25.43
C GLN B 119 -10.89 -4.20 25.37
N VAL B 120 -11.95 -4.91 25.04
CA VAL B 120 -13.29 -4.34 24.90
C VAL B 120 -13.84 -3.87 26.24
N GLU B 121 -13.70 -4.74 27.23
CA GLU B 121 -14.18 -4.46 28.58
C GLU B 121 -13.53 -3.23 29.19
N THR B 122 -12.21 -3.14 29.05
CA THR B 122 -11.45 -2.02 29.60
C THR B 122 -11.93 -0.63 29.22
N VAL B 123 -12.30 -0.43 27.97
CA VAL B 123 -12.74 0.88 27.54
C VAL B 123 -14.24 1.15 27.65
N GLU B 124 -15.04 0.11 27.87
CA GLU B 124 -16.49 0.31 27.95
C GLU B 124 -16.91 1.45 28.87
N PRO B 125 -16.40 1.47 30.11
CA PRO B 125 -16.76 2.53 31.04
C PRO B 125 -16.43 3.90 30.44
N THR B 126 -15.22 4.02 29.91
CA THR B 126 -14.77 5.26 29.30
C THR B 126 -15.77 5.69 28.23
N VAL B 127 -16.25 4.73 27.47
CA VAL B 127 -17.22 4.98 26.42
C VAL B 127 -18.57 5.41 26.98
N ARG B 128 -19.11 4.65 27.92
CA ARG B 128 -20.41 4.98 28.51
C ARG B 128 -20.42 6.39 29.10
N LYS B 129 -19.31 6.81 29.70
CA LYS B 129 -19.27 8.15 30.29
C LYS B 129 -19.50 9.21 29.22
N PHE B 130 -18.72 9.14 28.14
CA PHE B 130 -18.87 10.09 27.05
C PHE B 130 -20.30 10.09 26.52
N VAL B 131 -20.85 8.90 26.32
CA VAL B 131 -22.20 8.77 25.81
C VAL B 131 -23.17 9.55 26.69
N VAL B 132 -23.08 9.34 28.00
CA VAL B 132 -23.95 10.02 28.94
C VAL B 132 -23.75 11.53 28.91
N GLU B 133 -22.49 11.96 28.99
CA GLU B 133 -22.20 13.39 28.98
C GLU B 133 -22.86 14.03 27.77
N ARG B 134 -22.52 13.53 26.59
CA ARG B 134 -23.08 14.08 25.36
C ARG B 134 -24.59 13.96 25.28
N LEU B 135 -25.15 12.88 25.81
CA LEU B 135 -26.60 12.74 25.77
C LEU B 135 -27.24 13.84 26.61
N GLU B 136 -26.68 14.08 27.79
CA GLU B 136 -27.20 15.11 28.69
C GLU B 136 -27.00 16.49 28.09
N LYS B 137 -25.89 16.67 27.37
CA LYS B 137 -25.63 17.95 26.73
C LYS B 137 -26.76 18.18 25.71
N LEU B 138 -27.23 17.11 25.08
CA LEU B 138 -28.31 17.22 24.10
C LEU B 138 -29.66 17.50 24.74
N ARG B 139 -29.92 16.89 25.91
CA ARG B 139 -31.16 17.11 26.64
C ARG B 139 -31.21 18.56 27.09
N ALA B 140 -30.04 19.09 27.40
CA ALA B 140 -29.92 20.47 27.84
C ALA B 140 -30.21 21.44 26.69
N ASN B 141 -30.37 20.92 25.48
CA ASN B 141 -30.65 21.76 24.31
C ASN B 141 -31.90 21.36 23.56
N GLY B 142 -32.68 20.46 24.15
CA GLY B 142 -33.90 20.01 23.50
C GLY B 142 -33.58 18.95 22.46
N GLY B 143 -32.47 19.17 21.75
CA GLY B 143 -32.04 18.24 20.73
C GLY B 143 -30.65 18.55 20.20
N GLY B 144 -30.51 18.50 18.87
CA GLY B 144 -29.23 18.75 18.23
C GLY B 144 -28.99 17.65 17.23
N ASP B 145 -27.89 17.70 16.48
CA ASP B 145 -27.62 16.65 15.51
C ASP B 145 -26.86 15.54 16.20
N ILE B 146 -27.58 14.46 16.53
CA ILE B 146 -27.02 13.33 17.26
C ILE B 146 -25.81 12.66 16.61
N VAL B 147 -25.64 12.86 15.30
CA VAL B 147 -24.50 12.26 14.60
C VAL B 147 -23.22 13.04 14.88
N THR B 148 -23.23 14.34 14.61
CA THR B 148 -22.03 15.16 14.85
C THR B 148 -21.78 15.34 16.34
N GLU B 149 -22.86 15.45 17.10
CA GLU B 149 -22.80 15.63 18.55
C GLU B 149 -22.36 14.41 19.34
N LEU B 150 -22.72 13.21 18.89
CA LEU B 150 -22.38 12.00 19.62
C LEU B 150 -21.90 10.81 18.79
N PHE B 151 -22.77 10.29 17.92
CA PHE B 151 -22.42 9.13 17.10
C PHE B 151 -21.12 9.24 16.32
N LYS B 152 -20.75 10.44 15.86
CA LYS B 152 -19.52 10.57 15.10
C LYS B 152 -18.26 10.53 15.99
N PRO B 153 -18.24 11.33 17.07
CA PRO B 153 -17.06 11.32 17.94
C PRO B 153 -16.87 10.01 18.71
N LEU B 154 -17.99 9.42 19.12
CA LEU B 154 -17.99 8.17 19.89
C LEU B 154 -17.07 7.03 19.42
N PRO B 155 -17.25 6.55 18.18
CA PRO B 155 -16.43 5.46 17.63
C PRO B 155 -14.96 5.86 17.48
N SER B 156 -14.71 7.16 17.55
CA SER B 156 -13.35 7.67 17.42
C SER B 156 -12.50 7.15 18.60
N MET B 157 -13.00 7.35 19.82
CA MET B 157 -12.31 6.92 21.03
C MET B 157 -11.89 5.45 20.99
N VAL B 158 -12.84 4.58 20.66
CA VAL B 158 -12.57 3.14 20.64
C VAL B 158 -11.46 2.75 19.67
N VAL B 159 -11.42 3.39 18.52
CA VAL B 159 -10.38 3.11 17.52
C VAL B 159 -9.03 3.41 18.18
N ALA B 160 -8.91 4.65 18.66
CA ALA B 160 -7.70 5.09 19.33
C ALA B 160 -7.31 4.06 20.40
N HIS B 161 -8.29 3.62 21.17
CA HIS B 161 -8.03 2.63 22.21
C HIS B 161 -7.39 1.36 21.65
N TYR B 162 -7.83 0.93 20.47
CA TYR B 162 -7.30 -0.30 19.87
C TYR B 162 -5.99 -0.05 19.15
N LEU B 163 -5.76 1.19 18.75
CA LEU B 163 -4.53 1.55 18.06
C LEU B 163 -3.43 1.86 19.07
N GLY B 164 -3.81 1.92 20.34
CA GLY B 164 -2.82 2.19 21.37
C GLY B 164 -2.47 3.66 21.50
N VAL B 165 -3.40 4.54 21.19
CA VAL B 165 -3.15 5.97 21.30
C VAL B 165 -3.40 6.39 22.75
N PRO B 166 -2.37 6.90 23.45
CA PRO B 166 -2.47 7.35 24.84
C PRO B 166 -3.55 8.42 25.04
N GLU B 167 -4.37 8.24 26.07
CA GLU B 167 -5.49 9.14 26.35
C GLU B 167 -5.29 10.66 26.22
N GLU B 168 -4.18 11.18 26.72
CA GLU B 168 -3.95 12.62 26.63
C GLU B 168 -4.09 13.09 25.18
N ASP B 169 -3.60 12.26 24.27
CA ASP B 169 -3.62 12.54 22.83
C ASP B 169 -5.00 12.41 22.18
N TRP B 170 -5.86 11.55 22.74
CA TRP B 170 -7.20 11.34 22.20
C TRP B 170 -7.89 12.62 21.74
N THR B 171 -7.61 13.72 22.43
CA THR B 171 -8.24 14.98 22.07
C THR B 171 -7.64 15.50 20.77
N GLN B 172 -6.31 15.51 20.71
CA GLN B 172 -5.58 15.98 19.53
C GLN B 172 -5.81 15.04 18.35
N PHE B 173 -5.82 13.74 18.65
CA PHE B 173 -6.02 12.69 17.66
C PHE B 173 -7.38 12.86 16.98
N ASP B 174 -8.44 12.76 17.78
CA ASP B 174 -9.79 12.93 17.24
C ASP B 174 -9.83 14.18 16.40
N GLY B 175 -9.00 15.15 16.77
CA GLY B 175 -8.93 16.39 16.04
C GLY B 175 -8.67 16.11 14.58
N TRP B 176 -7.68 15.27 14.31
CA TRP B 176 -7.33 14.90 12.95
C TRP B 176 -8.42 13.98 12.38
N THR B 177 -8.74 12.93 13.12
CA THR B 177 -9.75 11.98 12.69
C THR B 177 -10.93 12.69 12.04
N GLN B 178 -11.52 13.63 12.77
CA GLN B 178 -12.68 14.36 12.28
C GLN B 178 -12.42 15.25 11.07
N ALA B 179 -11.14 15.55 10.82
CA ALA B 179 -10.77 16.38 9.68
C ALA B 179 -10.63 15.48 8.46
N ILE B 180 -10.07 14.30 8.67
CA ILE B 180 -9.88 13.32 7.60
C ILE B 180 -11.21 12.75 7.14
N VAL B 181 -12.05 12.36 8.10
CA VAL B 181 -13.36 11.79 7.81
C VAL B 181 -14.31 12.88 7.28
N ALA B 182 -13.74 14.00 6.82
CA ALA B 182 -14.54 15.10 6.28
C ALA B 182 -14.59 15.06 4.76
N THR B 190 -11.06 23.41 0.59
CA THR B 190 -11.17 23.28 2.04
C THR B 190 -10.57 21.96 2.54
N THR B 191 -9.52 21.49 1.85
CA THR B 191 -8.86 20.23 2.22
C THR B 191 -7.75 20.44 3.25
N GLY B 192 -8.16 20.72 4.49
CA GLY B 192 -7.21 20.91 5.57
C GLY B 192 -6.94 19.53 6.14
N ALA B 193 -7.56 18.53 5.52
CA ALA B 193 -7.41 17.15 5.91
C ALA B 193 -6.04 16.64 5.48
N LEU B 194 -5.52 17.22 4.41
CA LEU B 194 -4.20 16.84 3.91
C LEU B 194 -3.23 17.03 5.08
N ASP B 195 -3.30 18.21 5.69
CA ASP B 195 -2.46 18.55 6.83
C ASP B 195 -2.73 17.57 7.98
N ALA B 196 -4.01 17.27 8.20
CA ALA B 196 -4.41 16.34 9.25
C ALA B 196 -3.79 14.96 9.04
N VAL B 197 -3.69 14.54 7.77
CA VAL B 197 -3.11 13.25 7.45
C VAL B 197 -1.62 13.25 7.72
N GLY B 198 -0.95 14.32 7.32
CA GLY B 198 0.47 14.44 7.54
C GLY B 198 0.77 14.39 9.03
N SER B 199 0.01 15.16 9.80
CA SER B 199 0.20 15.20 11.23
C SER B 199 -0.03 13.83 11.85
N MET B 200 -1.14 13.18 11.49
CA MET B 200 -1.45 11.87 12.01
C MET B 200 -0.44 10.81 11.61
N MET B 201 0.07 10.94 10.39
CA MET B 201 1.06 10.02 9.87
C MET B 201 2.28 10.05 10.76
N ALA B 202 2.84 11.25 10.90
CA ALA B 202 4.02 11.48 11.73
C ALA B 202 3.72 11.05 13.16
N TYR B 203 2.51 11.34 13.63
CA TYR B 203 2.17 10.94 14.98
C TYR B 203 2.42 9.45 15.15
N PHE B 204 1.81 8.64 14.30
CA PHE B 204 1.95 7.20 14.37
C PHE B 204 3.35 6.67 14.23
N THR B 205 4.20 7.41 13.53
CA THR B 205 5.58 6.97 13.35
C THR B 205 6.28 7.00 14.70
N GLY B 206 5.96 8.01 15.50
CA GLY B 206 6.55 8.12 16.82
C GLY B 206 5.99 7.05 17.74
N LEU B 207 4.69 6.84 17.65
CA LEU B 207 4.02 5.85 18.48
C LEU B 207 4.60 4.47 18.20
N ILE B 208 4.94 4.19 16.94
CA ILE B 208 5.53 2.91 16.57
C ILE B 208 6.93 2.81 17.17
N GLU B 209 7.69 3.89 17.01
CA GLU B 209 9.06 3.98 17.54
C GLU B 209 8.93 3.60 19.01
N ARG B 210 8.12 4.38 19.69
CA ARG B 210 7.86 4.21 21.10
C ARG B 210 7.55 2.75 21.44
N ARG B 211 6.57 2.18 20.74
CA ARG B 211 6.16 0.80 21.00
C ARG B 211 7.23 -0.26 20.94
N ARG B 212 8.41 0.08 20.39
CA ARG B 212 9.49 -0.89 20.31
C ARG B 212 10.03 -1.21 21.70
N THR B 213 9.91 -0.25 22.60
CA THR B 213 10.39 -0.42 23.97
C THR B 213 9.29 -0.30 25.03
N GLU B 214 8.04 -0.17 24.60
CA GLU B 214 6.90 -0.08 25.51
C GLU B 214 5.71 -0.81 24.89
N PRO B 215 5.88 -2.11 24.64
CA PRO B 215 4.85 -2.97 24.04
C PRO B 215 3.61 -3.21 24.90
N ALA B 216 2.57 -2.40 24.67
CA ALA B 216 1.32 -2.55 25.40
C ALA B 216 0.54 -3.73 24.80
N ASP B 217 -0.78 -3.65 24.85
CA ASP B 217 -1.62 -4.71 24.31
C ASP B 217 -2.43 -4.32 23.08
N ASP B 218 -2.19 -3.13 22.53
CA ASP B 218 -2.91 -2.69 21.35
C ASP B 218 -2.46 -3.51 20.14
N ALA B 219 -3.22 -3.42 19.06
CA ALA B 219 -2.88 -4.16 17.85
C ALA B 219 -1.52 -3.71 17.36
N ILE B 220 -1.31 -2.40 17.28
CA ILE B 220 -0.03 -1.89 16.80
C ILE B 220 1.14 -2.46 17.60
N SER B 221 1.04 -2.43 18.93
CA SER B 221 2.10 -2.96 19.78
C SER B 221 2.41 -4.41 19.41
N HIS B 222 1.37 -5.19 19.18
CA HIS B 222 1.57 -6.58 18.81
C HIS B 222 2.23 -6.71 17.44
N LEU B 223 1.93 -5.78 16.55
CA LEU B 223 2.53 -5.81 15.22
C LEU B 223 3.99 -5.41 15.33
N VAL B 224 4.24 -4.22 15.90
CA VAL B 224 5.61 -3.74 16.06
C VAL B 224 6.44 -4.79 16.79
N ALA B 225 5.85 -5.36 17.83
CA ALA B 225 6.51 -6.39 18.62
C ALA B 225 6.92 -7.56 17.74
N ALA B 226 6.20 -7.75 16.64
CA ALA B 226 6.51 -8.84 15.72
C ALA B 226 7.65 -8.48 14.78
N GLY B 227 7.93 -7.18 14.62
CA GLY B 227 9.02 -6.75 13.77
C GLY B 227 8.60 -5.80 12.68
N VAL B 228 7.31 -5.50 12.62
CA VAL B 228 6.79 -4.62 11.59
C VAL B 228 7.20 -3.16 11.79
N GLY B 229 7.81 -2.58 10.75
CA GLY B 229 8.24 -1.19 10.81
C GLY B 229 9.44 -0.96 11.69
N ALA B 230 9.57 -1.79 12.72
CA ALA B 230 10.66 -1.71 13.69
C ALA B 230 12.04 -2.02 13.11
N ASP B 231 12.56 -1.09 12.30
CA ASP B 231 13.88 -1.22 11.68
C ASP B 231 14.08 -0.31 10.47
N GLY B 232 13.48 0.88 10.50
CA GLY B 232 13.60 1.81 9.39
C GLY B 232 13.11 1.05 8.17
N ASP B 233 12.12 0.21 8.43
CA ASP B 233 11.49 -0.64 7.44
C ASP B 233 11.02 0.06 6.17
N THR B 234 10.09 1.00 6.33
CA THR B 234 9.46 1.72 5.22
C THR B 234 8.61 0.57 4.70
N ALA B 235 7.65 0.84 3.83
CA ALA B 235 6.80 -0.24 3.33
C ALA B 235 6.13 -0.88 4.55
N GLY B 236 6.92 -1.63 5.31
CA GLY B 236 6.41 -2.25 6.53
C GLY B 236 5.82 -1.19 7.42
N THR B 237 6.53 -0.08 7.62
CA THR B 237 6.00 0.96 8.47
C THR B 237 4.85 1.66 7.77
N LEU B 238 4.86 1.67 6.44
CA LEU B 238 3.77 2.31 5.71
C LEU B 238 2.52 1.45 5.77
N SER B 239 2.66 0.13 5.73
CA SER B 239 1.49 -0.72 5.80
C SER B 239 0.85 -0.57 7.18
N ILE B 240 1.67 -0.33 8.21
CA ILE B 240 1.16 -0.14 9.56
C ILE B 240 0.25 1.07 9.49
N LEU B 241 0.74 2.12 8.86
CA LEU B 241 -0.01 3.35 8.73
C LEU B 241 -1.24 3.22 7.83
N ALA B 242 -1.22 2.26 6.91
CA ALA B 242 -2.35 2.05 6.02
C ALA B 242 -3.47 1.41 6.85
N PHE B 243 -3.06 0.46 7.68
CA PHE B 243 -3.99 -0.23 8.56
C PHE B 243 -4.57 0.75 9.55
N THR B 244 -3.73 1.56 10.18
CA THR B 244 -4.25 2.51 11.15
C THR B 244 -5.21 3.45 10.47
N PHE B 245 -4.99 3.70 9.18
CA PHE B 245 -5.86 4.60 8.45
C PHE B 245 -7.21 3.99 8.17
N THR B 246 -7.18 2.71 7.82
CA THR B 246 -8.39 1.97 7.53
C THR B 246 -9.27 2.04 8.77
N MET B 247 -8.68 1.69 9.91
CA MET B 247 -9.37 1.70 11.19
C MET B 247 -9.92 3.09 11.47
N VAL B 248 -9.04 4.09 11.44
CA VAL B 248 -9.44 5.45 11.71
C VAL B 248 -10.71 5.88 10.97
N THR B 249 -10.74 5.63 9.66
CA THR B 249 -11.89 6.00 8.84
C THR B 249 -12.99 4.94 8.80
N GLY B 250 -12.63 3.73 8.39
CA GLY B 250 -13.61 2.67 8.30
C GLY B 250 -14.27 2.38 9.64
N GLY B 251 -13.45 2.29 10.68
CA GLY B 251 -13.93 2.02 12.03
C GLY B 251 -14.86 3.09 12.59
N ASN B 252 -14.78 4.30 12.05
CA ASN B 252 -15.66 5.36 12.53
C ASN B 252 -16.97 5.27 11.80
N ASP B 253 -16.90 5.43 10.48
CA ASP B 253 -18.06 5.40 9.60
C ASP B 253 -19.02 4.23 9.83
N THR B 254 -18.48 3.03 9.98
CA THR B 254 -19.33 1.86 10.21
C THR B 254 -20.18 1.98 11.48
N VAL B 255 -19.55 2.37 12.58
CA VAL B 255 -20.28 2.55 13.84
C VAL B 255 -21.18 3.76 13.70
N THR B 256 -20.64 4.85 13.17
CA THR B 256 -21.44 6.06 12.95
C THR B 256 -22.66 5.65 12.15
N GLY B 257 -22.41 4.81 11.15
CA GLY B 257 -23.48 4.32 10.29
C GLY B 257 -24.54 3.56 11.03
N MET B 258 -24.12 2.54 11.77
CA MET B 258 -25.07 1.74 12.53
C MET B 258 -25.86 2.54 13.58
N LEU B 259 -25.16 3.33 14.37
CA LEU B 259 -25.81 4.12 15.40
C LEU B 259 -26.78 5.10 14.75
N GLY B 260 -26.32 5.83 13.74
CA GLY B 260 -27.17 6.78 13.06
C GLY B 260 -28.28 6.07 12.28
N GLY B 261 -27.90 4.97 11.62
CA GLY B 261 -28.85 4.21 10.84
C GLY B 261 -29.96 3.62 11.69
N SER B 262 -29.72 3.45 12.97
CA SER B 262 -30.74 2.89 13.84
C SER B 262 -31.78 3.95 14.24
N MET B 263 -31.38 5.23 14.24
CA MET B 263 -32.30 6.30 14.62
C MET B 263 -33.63 6.26 13.90
N PRO B 264 -33.62 6.33 12.57
CA PRO B 264 -34.89 6.29 11.83
C PRO B 264 -35.67 5.01 12.08
N LEU B 265 -34.97 3.89 12.26
CA LEU B 265 -35.66 2.64 12.50
C LEU B 265 -36.42 2.66 13.82
N LEU B 266 -35.75 3.10 14.88
CA LEU B 266 -36.40 3.16 16.18
C LEU B 266 -37.49 4.23 16.19
N HIS B 267 -37.28 5.28 15.42
CA HIS B 267 -38.23 6.36 15.32
C HIS B 267 -39.52 5.88 14.68
N ARG B 268 -39.36 5.15 13.58
CA ARG B 268 -40.48 4.60 12.83
C ARG B 268 -41.30 3.55 13.55
N ARG B 269 -40.69 2.82 14.47
CA ARG B 269 -41.44 1.77 15.16
C ARG B 269 -41.53 1.95 16.67
N PRO B 270 -42.29 2.97 17.12
CA PRO B 270 -42.49 3.29 18.53
C PRO B 270 -42.85 2.09 19.40
N ASP B 271 -43.61 1.16 18.83
CA ASP B 271 -44.01 -0.03 19.56
C ASP B 271 -42.77 -0.80 19.99
N GLN B 272 -41.78 -0.85 19.10
CA GLN B 272 -40.52 -1.56 19.36
C GLN B 272 -39.79 -0.92 20.53
N ARG B 273 -39.57 0.38 20.41
CA ARG B 273 -38.88 1.13 21.46
C ARG B 273 -39.55 0.89 22.80
N ARG B 274 -40.88 0.90 22.79
CA ARG B 274 -41.65 0.67 24.00
C ARG B 274 -41.22 -0.63 24.67
N LEU B 275 -41.05 -1.68 23.87
CA LEU B 275 -40.63 -2.97 24.38
C LEU B 275 -39.31 -2.85 25.13
N LEU B 276 -38.42 -2.04 24.59
CA LEU B 276 -37.12 -1.84 25.18
C LEU B 276 -37.20 -0.89 26.37
N LEU B 277 -38.17 0.01 26.36
CA LEU B 277 -38.35 0.93 27.47
C LEU B 277 -38.89 0.15 28.67
N ASP B 278 -39.92 -0.66 28.47
CA ASP B 278 -40.48 -1.43 29.58
C ASP B 278 -39.49 -2.48 30.06
N ASP B 279 -38.76 -3.09 29.13
CA ASP B 279 -37.77 -4.11 29.49
C ASP B 279 -36.44 -3.93 28.76
N PRO B 280 -35.52 -3.16 29.37
CA PRO B 280 -34.18 -2.88 28.82
C PRO B 280 -33.27 -4.09 28.86
N GLU B 281 -33.79 -5.20 29.34
CA GLU B 281 -33.00 -6.43 29.43
C GLU B 281 -32.95 -7.05 28.04
N GLY B 282 -33.77 -6.52 27.13
CA GLY B 282 -33.81 -7.02 25.79
C GLY B 282 -33.05 -6.17 24.81
N ILE B 283 -32.23 -5.24 25.30
CA ILE B 283 -31.46 -4.38 24.41
C ILE B 283 -30.30 -5.09 23.69
N PRO B 284 -29.65 -6.08 24.34
CA PRO B 284 -28.57 -6.75 23.63
C PRO B 284 -29.12 -7.45 22.37
N ASP B 285 -30.26 -8.12 22.51
CA ASP B 285 -30.88 -8.80 21.38
C ASP B 285 -31.33 -7.79 20.33
N ALA B 286 -31.70 -6.60 20.78
CA ALA B 286 -32.14 -5.58 19.85
C ALA B 286 -30.93 -5.11 19.06
N VAL B 287 -29.77 -5.10 19.69
CA VAL B 287 -28.55 -4.67 19.02
C VAL B 287 -28.31 -5.55 17.80
N GLU B 288 -28.58 -6.85 17.93
CA GLU B 288 -28.39 -7.76 16.80
C GLU B 288 -29.33 -7.41 15.68
N GLU B 289 -30.60 -7.21 16.03
CA GLU B 289 -31.61 -6.86 15.03
C GLU B 289 -31.21 -5.58 14.33
N LEU B 290 -30.80 -4.58 15.10
CA LEU B 290 -30.40 -3.32 14.52
C LEU B 290 -29.19 -3.48 13.59
N LEU B 291 -28.24 -4.33 13.96
CA LEU B 291 -27.07 -4.56 13.13
C LEU B 291 -27.48 -5.22 11.80
N ARG B 292 -28.42 -6.17 11.90
CA ARG B 292 -28.93 -6.91 10.74
C ARG B 292 -29.61 -5.97 9.76
N LEU B 293 -30.35 -5.00 10.28
CA LEU B 293 -31.05 -4.07 9.42
C LEU B 293 -30.24 -2.90 8.91
N THR B 294 -29.16 -2.55 9.60
CA THR B 294 -28.30 -1.42 9.20
C THR B 294 -27.15 -1.82 8.27
N SER B 295 -26.52 -2.95 8.56
CA SER B 295 -25.40 -3.45 7.76
C SER B 295 -24.55 -2.32 7.21
N PRO B 296 -23.96 -1.48 8.10
CA PRO B 296 -23.12 -0.35 7.69
C PRO B 296 -22.27 -0.66 6.46
N VAL B 297 -21.75 -1.88 6.41
CA VAL B 297 -20.97 -2.33 5.26
C VAL B 297 -21.97 -3.10 4.39
N GLN B 298 -22.72 -2.35 3.60
CA GLN B 298 -23.76 -2.89 2.72
C GLN B 298 -23.21 -3.96 1.75
N GLY B 299 -21.95 -3.80 1.36
CA GLY B 299 -21.34 -4.75 0.46
C GLY B 299 -19.84 -4.59 0.25
N LEU B 300 -19.23 -5.67 -0.19
CA LEU B 300 -17.81 -5.69 -0.49
C LEU B 300 -17.59 -6.79 -1.50
N ALA B 301 -16.76 -6.50 -2.50
CA ALA B 301 -16.48 -7.45 -3.57
C ALA B 301 -15.42 -8.48 -3.26
N ARG B 302 -15.33 -9.46 -4.15
CA ARG B 302 -14.35 -10.52 -4.08
C ARG B 302 -14.00 -10.79 -5.54
N THR B 303 -12.99 -11.61 -5.78
CA THR B 303 -12.59 -11.93 -7.15
C THR B 303 -12.42 -13.42 -7.34
N THR B 304 -13.33 -14.02 -8.10
CA THR B 304 -13.30 -15.44 -8.40
C THR B 304 -11.90 -15.88 -8.80
N THR B 305 -11.37 -16.90 -8.15
CA THR B 305 -10.03 -17.39 -8.46
C THR B 305 -10.09 -18.56 -9.42
N ARG B 306 -11.30 -18.87 -9.86
CA ARG B 306 -11.54 -19.96 -10.79
C ARG B 306 -12.94 -19.76 -11.31
N ASP B 307 -13.32 -20.51 -12.35
CA ASP B 307 -14.68 -20.37 -12.85
C ASP B 307 -15.53 -21.03 -11.80
N VAL B 308 -16.58 -20.35 -11.37
CA VAL B 308 -17.45 -20.89 -10.34
C VAL B 308 -18.89 -20.77 -10.81
N THR B 309 -19.72 -21.77 -10.49
CA THR B 309 -21.12 -21.75 -10.89
C THR B 309 -22.08 -21.64 -9.70
N ILE B 310 -23.01 -20.69 -9.78
CA ILE B 310 -24.00 -20.48 -8.73
C ILE B 310 -25.37 -20.52 -9.40
N GLY B 311 -26.11 -21.61 -9.16
CA GLY B 311 -27.42 -21.74 -9.78
C GLY B 311 -27.20 -21.92 -11.28
N ASP B 312 -27.99 -21.23 -12.10
CA ASP B 312 -27.86 -21.32 -13.56
C ASP B 312 -26.60 -20.61 -14.03
N THR B 313 -26.24 -19.55 -13.31
CA THR B 313 -25.11 -18.73 -13.67
C THR B 313 -23.71 -19.27 -13.36
N THR B 314 -22.78 -18.97 -14.26
CA THR B 314 -21.39 -19.38 -14.13
C THR B 314 -20.57 -18.11 -14.25
N ILE B 315 -19.80 -17.80 -13.20
CA ILE B 315 -18.95 -16.62 -13.17
C ILE B 315 -17.53 -17.01 -13.53
N PRO B 316 -16.96 -16.36 -14.57
CA PRO B 316 -15.60 -16.65 -15.02
C PRO B 316 -14.57 -16.33 -13.96
N ALA B 317 -13.44 -17.02 -14.00
CA ALA B 317 -12.36 -16.76 -13.07
C ALA B 317 -11.91 -15.30 -13.28
N GLY B 318 -11.53 -14.64 -12.18
CA GLY B 318 -11.06 -13.26 -12.25
C GLY B 318 -12.17 -12.25 -12.46
N ARG B 319 -13.31 -12.47 -11.81
CA ARG B 319 -14.44 -11.57 -11.94
C ARG B 319 -14.80 -11.00 -10.59
N ARG B 320 -15.01 -9.69 -10.52
CA ARG B 320 -15.40 -9.11 -9.24
C ARG B 320 -16.82 -9.58 -8.96
N VAL B 321 -17.08 -9.97 -7.71
CA VAL B 321 -18.42 -10.40 -7.32
C VAL B 321 -18.76 -9.68 -6.01
N LEU B 322 -19.69 -8.74 -6.10
CA LEU B 322 -20.10 -7.96 -4.96
C LEU B 322 -20.99 -8.72 -3.98
N LEU B 323 -20.51 -8.94 -2.77
CA LEU B 323 -21.29 -9.64 -1.73
C LEU B 323 -22.16 -8.62 -1.01
N LEU B 324 -23.48 -8.69 -1.22
CA LEU B 324 -24.38 -7.75 -0.59
C LEU B 324 -24.85 -8.16 0.78
N TYR B 325 -23.97 -8.00 1.76
CA TYR B 325 -24.29 -8.34 3.14
C TYR B 325 -25.60 -7.66 3.50
N GLY B 326 -25.71 -6.39 3.16
CA GLY B 326 -26.92 -5.63 3.45
C GLY B 326 -28.18 -6.32 2.98
N SER B 327 -28.13 -6.94 1.80
CA SER B 327 -29.28 -7.65 1.24
C SER B 327 -29.47 -9.02 1.89
N ALA B 328 -28.37 -9.75 2.05
CA ALA B 328 -28.42 -11.07 2.66
C ALA B 328 -29.09 -11.01 4.03
N ASN B 329 -28.89 -9.91 4.74
CA ASN B 329 -29.48 -9.76 6.07
C ASN B 329 -30.98 -9.51 6.02
N ARG B 330 -31.47 -9.05 4.87
CA ARG B 330 -32.89 -8.77 4.70
C ARG B 330 -33.58 -9.86 3.86
N ASP B 331 -32.84 -10.94 3.61
CA ASP B 331 -33.34 -12.05 2.83
C ASP B 331 -34.41 -12.85 3.58
N GLU B 332 -35.65 -12.77 3.08
CA GLU B 332 -36.78 -13.48 3.67
C GLU B 332 -36.52 -14.99 3.70
N ARG B 333 -35.76 -15.49 2.74
CA ARG B 333 -35.45 -16.91 2.69
C ARG B 333 -34.68 -17.35 3.94
N GLN B 334 -34.21 -16.38 4.71
CA GLN B 334 -33.41 -16.65 5.91
C GLN B 334 -34.07 -16.20 7.20
N TYR B 335 -34.75 -15.06 7.18
CA TYR B 335 -35.37 -14.56 8.39
C TYR B 335 -36.89 -14.51 8.42
N GLY B 336 -37.54 -15.13 7.45
CA GLY B 336 -39.00 -15.13 7.40
C GLY B 336 -39.59 -13.95 6.67
N PRO B 337 -40.91 -13.93 6.48
CA PRO B 337 -41.68 -12.88 5.80
C PRO B 337 -41.33 -11.47 6.24
N ASP B 338 -41.41 -11.23 7.54
CA ASP B 338 -41.11 -9.93 8.15
C ASP B 338 -39.62 -9.56 8.15
N ALA B 339 -38.78 -10.42 7.59
CA ALA B 339 -37.34 -10.17 7.52
C ALA B 339 -37.06 -8.72 7.18
N ALA B 340 -37.98 -8.10 6.46
CA ALA B 340 -37.82 -6.72 6.06
C ALA B 340 -38.05 -5.69 7.18
N GLU B 341 -38.53 -6.13 8.34
CA GLU B 341 -38.83 -5.19 9.42
C GLU B 341 -38.28 -5.46 10.81
N LEU B 342 -38.29 -4.40 11.61
CA LEU B 342 -37.78 -4.40 12.98
C LEU B 342 -38.54 -5.26 13.98
N ASP B 343 -37.84 -6.22 14.57
CA ASP B 343 -38.42 -7.08 15.60
C ASP B 343 -37.32 -7.35 16.62
N VAL B 344 -37.03 -6.35 17.45
CA VAL B 344 -35.99 -6.43 18.47
C VAL B 344 -35.98 -7.76 19.22
N THR B 345 -37.09 -8.49 19.13
CA THR B 345 -37.22 -9.79 19.79
C THR B 345 -36.78 -10.94 18.88
N ARG B 346 -36.59 -10.65 17.60
CA ARG B 346 -36.19 -11.64 16.62
C ARG B 346 -34.95 -12.44 17.02
N CYS B 347 -33.89 -11.76 17.47
CA CYS B 347 -32.66 -12.47 17.82
C CYS B 347 -32.12 -13.17 16.58
N PRO B 348 -31.96 -12.43 15.48
CA PRO B 348 -31.46 -13.02 14.24
C PRO B 348 -30.16 -13.79 14.41
N ARG B 349 -30.07 -14.94 13.75
CA ARG B 349 -28.88 -15.76 13.80
C ARG B 349 -28.16 -15.76 12.44
N ASN B 350 -26.83 -15.87 12.48
CA ASN B 350 -26.02 -15.90 11.27
C ASN B 350 -26.14 -14.65 10.44
N ILE B 351 -26.13 -13.48 11.06
CA ILE B 351 -26.21 -12.25 10.27
C ILE B 351 -24.87 -12.10 9.57
N LEU B 352 -24.82 -11.27 8.54
CA LEU B 352 -23.58 -11.04 7.81
C LEU B 352 -23.09 -9.61 7.96
N THR B 353 -23.49 -8.94 9.05
CA THR B 353 -23.08 -7.55 9.27
C THR B 353 -21.55 -7.45 9.41
N PHE B 354 -20.93 -8.53 9.88
CA PHE B 354 -19.48 -8.54 10.06
C PHE B 354 -18.89 -9.63 9.17
N SER B 355 -19.57 -9.94 8.08
CA SER B 355 -19.11 -10.96 7.16
C SER B 355 -18.99 -12.29 7.89
N HIS B 356 -18.40 -13.26 7.23
CA HIS B 356 -18.22 -14.57 7.82
C HIS B 356 -16.90 -15.08 7.26
N GLY B 357 -16.30 -16.06 7.91
CA GLY B 357 -15.06 -16.61 7.41
C GLY B 357 -13.76 -15.93 7.82
N ALA B 358 -12.74 -16.13 7.00
CA ALA B 358 -11.39 -15.61 7.22
C ALA B 358 -11.21 -14.11 7.47
N HIS B 359 -12.21 -13.30 7.11
CA HIS B 359 -12.09 -11.86 7.31
C HIS B 359 -13.13 -11.33 8.26
N HIS B 360 -13.80 -12.24 8.95
CA HIS B 360 -14.82 -11.83 9.90
C HIS B 360 -14.24 -10.70 10.72
N CYS B 361 -15.02 -9.64 10.86
CA CYS B 361 -14.58 -8.46 11.61
C CYS B 361 -14.01 -8.72 13.00
N LEU B 362 -12.84 -8.11 13.27
CA LEU B 362 -12.19 -8.26 14.57
C LEU B 362 -12.80 -7.31 15.58
N GLY B 363 -13.32 -6.19 15.10
CA GLY B 363 -13.94 -5.24 16.00
C GLY B 363 -15.45 -5.42 16.13
N ALA B 364 -15.92 -6.65 16.01
CA ALA B 364 -17.34 -6.92 16.11
C ALA B 364 -17.78 -6.64 17.53
N ALA B 365 -17.01 -7.17 18.48
CA ALA B 365 -17.30 -6.96 19.90
C ALA B 365 -17.34 -5.47 20.17
N ALA B 366 -16.23 -4.80 19.86
CA ALA B 366 -16.11 -3.36 20.06
C ALA B 366 -17.25 -2.60 19.42
N ALA B 367 -17.72 -3.09 18.28
CA ALA B 367 -18.80 -2.44 17.57
C ALA B 367 -20.10 -2.62 18.33
N ARG B 368 -20.37 -3.84 18.78
CA ARG B 368 -21.59 -4.18 19.52
C ARG B 368 -21.70 -3.44 20.85
N MET B 369 -20.56 -3.38 21.55
CA MET B 369 -20.47 -2.71 22.84
C MET B 369 -20.87 -1.25 22.73
N GLN B 370 -20.36 -0.57 21.71
CA GLN B 370 -20.67 0.85 21.53
C GLN B 370 -22.16 1.12 21.30
N CYS B 371 -22.89 0.13 20.84
CA CYS B 371 -24.30 0.31 20.55
C CYS B 371 -25.11 -0.12 21.74
N ARG B 372 -24.64 -1.17 22.39
CA ARG B 372 -25.34 -1.64 23.57
C ARG B 372 -25.34 -0.44 24.50
N VAL B 373 -24.16 0.17 24.69
CA VAL B 373 -24.02 1.33 25.55
C VAL B 373 -24.85 2.49 25.01
N ALA B 374 -24.46 3.00 23.85
CA ALA B 374 -25.16 4.14 23.23
C ALA B 374 -26.69 3.99 23.22
N LEU B 375 -27.18 2.84 22.82
CA LEU B 375 -28.61 2.65 22.76
C LEU B 375 -29.27 2.68 24.13
N THR B 376 -28.69 1.96 25.08
CA THR B 376 -29.22 1.90 26.45
C THR B 376 -29.35 3.29 27.04
N GLU B 377 -28.27 4.07 26.94
CA GLU B 377 -28.26 5.41 27.47
C GLU B 377 -29.26 6.28 26.71
N LEU B 378 -29.35 6.09 25.39
CA LEU B 378 -30.29 6.87 24.60
C LEU B 378 -31.71 6.65 25.11
N LEU B 379 -32.10 5.39 25.16
CA LEU B 379 -33.43 4.99 25.61
C LEU B 379 -33.69 5.33 27.08
N ALA B 380 -32.66 5.20 27.91
CA ALA B 380 -32.78 5.46 29.33
C ALA B 380 -32.90 6.94 29.67
N ARG B 381 -32.24 7.79 28.90
CA ARG B 381 -32.28 9.23 29.16
C ARG B 381 -33.10 10.06 28.19
N CYS B 382 -33.59 9.44 27.13
CA CYS B 382 -34.41 10.15 26.14
C CYS B 382 -35.48 9.20 25.64
N PRO B 383 -36.15 8.50 26.57
CA PRO B 383 -37.20 7.55 26.17
C PRO B 383 -38.10 8.09 25.07
N ASP B 384 -38.32 9.40 25.10
CA ASP B 384 -39.15 10.06 24.12
C ASP B 384 -38.36 11.03 23.26
N PHE B 385 -37.96 10.56 22.09
CA PHE B 385 -37.20 11.38 21.15
C PHE B 385 -37.79 11.26 19.76
N GLU B 386 -37.42 12.20 18.89
CA GLU B 386 -37.90 12.20 17.52
C GLU B 386 -36.79 12.47 16.55
N VAL B 387 -36.90 11.84 15.38
CA VAL B 387 -35.91 11.99 14.33
C VAL B 387 -36.64 12.48 13.09
N ALA B 388 -36.15 13.53 12.48
CA ALA B 388 -36.79 14.05 11.27
C ALA B 388 -36.26 13.28 10.06
N GLU B 389 -36.75 12.07 9.86
CA GLU B 389 -36.31 11.24 8.73
C GLU B 389 -36.06 12.07 7.50
N SER B 390 -37.10 12.80 7.12
CA SER B 390 -37.10 13.67 5.94
C SER B 390 -35.87 14.57 5.81
N ARG B 391 -35.23 14.88 6.94
CA ARG B 391 -34.06 15.75 6.93
C ARG B 391 -32.73 15.05 7.22
N ILE B 392 -32.68 13.72 7.09
CA ILE B 392 -31.43 13.01 7.33
C ILE B 392 -30.59 13.14 6.05
N VAL B 393 -29.28 13.29 6.22
CA VAL B 393 -28.36 13.43 5.09
C VAL B 393 -27.37 12.28 5.05
N TRP B 394 -27.40 11.51 3.96
CA TRP B 394 -26.48 10.39 3.85
C TRP B 394 -25.16 10.75 3.23
N SER B 395 -24.14 10.01 3.62
CA SER B 395 -22.80 10.20 3.10
C SER B 395 -22.72 9.51 1.73
N GLY B 396 -21.71 9.86 0.94
CA GLY B 396 -21.55 9.22 -0.35
C GLY B 396 -20.88 7.87 -0.12
N GLY B 397 -20.58 7.13 -1.19
CA GLY B 397 -19.94 5.83 -1.01
C GLY B 397 -20.90 4.71 -1.34
N SER B 398 -20.48 3.79 -2.19
CA SER B 398 -21.34 2.70 -2.61
C SER B 398 -21.27 1.44 -1.76
N TYR B 399 -20.31 1.40 -0.82
CA TYR B 399 -20.12 0.23 0.02
C TYR B 399 -20.45 0.42 1.49
N VAL B 400 -20.21 1.62 2.02
CA VAL B 400 -20.53 1.89 3.43
C VAL B 400 -21.63 2.95 3.49
N ARG B 401 -22.73 2.56 4.14
CA ARG B 401 -23.91 3.40 4.27
C ARG B 401 -24.09 4.03 5.64
N ARG B 402 -23.69 5.29 5.79
CA ARG B 402 -23.84 5.98 7.06
C ARG B 402 -24.33 7.40 6.90
N PRO B 403 -25.09 7.89 7.89
CA PRO B 403 -25.62 9.24 7.82
C PRO B 403 -24.61 10.32 8.26
N LEU B 404 -24.61 11.45 7.54
CA LEU B 404 -23.73 12.57 7.85
C LEU B 404 -24.43 13.44 8.89
N SER B 405 -25.75 13.51 8.74
CA SER B 405 -26.57 14.31 9.63
C SER B 405 -27.92 13.65 9.94
N VAL B 406 -28.21 13.55 11.23
CA VAL B 406 -29.46 12.97 11.68
C VAL B 406 -29.99 13.87 12.79
N PRO B 407 -30.74 14.92 12.41
CA PRO B 407 -31.31 15.86 13.39
C PRO B 407 -32.11 15.16 14.49
N PHE B 408 -31.67 15.38 15.72
CA PHE B 408 -32.25 14.77 16.91
C PHE B 408 -33.13 15.76 17.68
N ARG B 409 -34.10 15.25 18.42
CA ARG B 409 -35.00 16.11 19.19
C ARG B 409 -35.62 15.32 20.35
N VAL B 410 -35.33 15.74 21.58
CA VAL B 410 -35.85 15.06 22.78
C VAL B 410 -37.14 15.64 23.34
N THR B 411 -38.28 15.22 22.77
CA THR B 411 -39.61 15.68 23.20
C THR B 411 -40.69 15.31 22.16
N SER B 412 -41.83 15.82 22.29
CHA HEM C . 11.20 1.87 -12.76
CHB HEM C . 15.80 0.49 -12.41
CHC HEM C . 17.10 5.00 -11.18
CHD HEM C . 12.47 6.32 -11.40
C1A HEM C . 12.34 1.10 -12.65
C2A HEM C . 12.37 -0.29 -13.03
C3A HEM C . 13.68 -0.66 -13.01
C4A HEM C . 14.42 0.49 -12.57
CMA HEM C . 14.23 -2.02 -13.44
CAA HEM C . 11.19 -1.20 -13.38
CBA HEM C . 11.18 -2.42 -12.49
CGA HEM C . 10.30 -3.53 -12.99
O1A HEM C . 9.05 -3.44 -12.87
O2A HEM C . 10.86 -4.52 -13.52
C1B HEM C . 16.54 1.61 -12.09
C2B HEM C . 17.96 1.59 -11.96
C3B HEM C . 18.36 2.86 -11.63
C4B HEM C . 17.13 3.65 -11.55
CMB HEM C . 18.84 0.36 -12.19
CAB HEM C . 19.65 3.34 -11.36
CBB HEM C . 20.85 2.94 -12.06
C1C HEM C . 15.95 5.73 -11.10
C2C HEM C . 15.91 7.14 -10.71
C3C HEM C . 14.59 7.50 -10.74
C4C HEM C . 13.86 6.34 -11.22
CMC HEM C . 17.10 8.03 -10.33
CAC HEM C . 14.03 8.72 -10.38
CBC HEM C . 14.64 10.06 -10.50
C1D HEM C . 11.70 5.22 -11.72
C2D HEM C . 10.25 5.25 -11.94
C3D HEM C . 9.89 4.02 -12.44
C4D HEM C . 11.15 3.24 -12.49
CMD HEM C . 9.28 6.37 -11.65
CAD HEM C . 8.48 3.47 -12.65
CBD HEM C . 8.05 3.45 -14.11
CGD HEM C . 6.77 2.67 -14.35
O1D HEM C . 6.30 1.95 -13.45
O2D HEM C . 6.22 2.78 -15.47
NA HEM C . 13.60 1.59 -12.38
NB HEM C . 16.02 2.88 -11.85
NC HEM C . 14.68 5.24 -11.40
ND HEM C . 12.26 3.98 -12.04
FE HEM C . 14.16 3.43 -11.95
C1 ECN D . 9.98 0.64 -8.75
C2 ECN D . 8.77 0.33 -8.07
CL4 ECN D . 12.29 0.77 -3.98
C6 ECN D . 13.31 3.41 -8.19
C7 ECN D . 13.12 2.34 -7.38
C9 ECN D . 9.14 2.91 -9.24
C10 ECN D . 10.14 1.91 -9.32
C11 ECN D . 7.96 2.65 -8.60
CL2 ECN D . 6.78 3.89 -8.55
C14 ECN D . 12.59 -0.92 -4.33
C15 ECN D . 12.78 -1.84 -3.26
C16 ECN D . 13.04 -3.23 -3.53
C17 ECN D . 13.09 -3.68 -4.86
CL8 ECN D . 13.25 -4.37 -2.26
N19 ECN D . 14.00 2.98 -9.24
C19 ECN D . 13.76 -0.14 -7.51
C20 ECN D . 12.42 -0.47 -6.84
O20 ECN D . 11.45 -1.14 -7.72
C5 ECN D . 12.65 -1.40 -5.67
N1 ECN D . 13.71 1.25 -8.00
C3 ECN D . 14.24 1.69 -9.13
C8 ECN D . 11.12 -0.36 -8.90
C13 ECN D . 7.74 1.36 -7.99
C21 ECN D . 12.91 -2.77 -5.92
F F E . 0.42 -18.72 -1.85
F F F . 38.63 22.28 -11.28
F F G . 21.20 -9.51 4.02
S SO4 H . 42.39 -5.71 -2.82
O1 SO4 H . 42.97 -7.08 -2.71
O2 SO4 H . 41.47 -5.40 -1.69
O3 SO4 H . 43.55 -4.74 -2.84
O4 SO4 H . 41.65 -5.51 -4.11
S SO4 I . 17.77 -1.26 -26.92
O1 SO4 I . 17.48 0.06 -26.25
O2 SO4 I . 16.73 -2.30 -26.55
O3 SO4 I . 17.81 -1.03 -28.39
O4 SO4 I . 19.12 -1.78 -26.56
S SO4 J . 19.57 -25.35 -24.16
O1 SO4 J . 20.30 -24.08 -24.53
O2 SO4 J . 18.10 -25.12 -23.97
O3 SO4 J . 19.83 -26.31 -25.25
O4 SO4 J . 20.12 -25.95 -22.89
F F K . 47.28 19.18 -8.04
CHA HEM L . -13.43 -6.54 9.01
CHB HEM L . -17.79 -4.52 9.26
CHC HEM L . -16.44 -2.01 13.15
CHD HEM L . -11.96 -3.76 12.67
C1A HEM L . -14.73 -6.18 8.72
C2A HEM L . -15.50 -6.79 7.65
C3A HEM L . -16.72 -6.18 7.70
C4A HEM L . -16.69 -5.24 8.82
CMA HEM L . -17.88 -6.43 6.74
CAA HEM L . -15.06 -7.83 6.62
CBA HEM L . -15.10 -7.26 5.22
CGA HEM L . -14.80 -8.27 4.14
O1A HEM L . -13.65 -8.78 4.09
O2A HEM L . -15.70 -8.56 3.33
C1B HEM L . -17.80 -3.68 10.37
C2B HEM L . -18.99 -3.05 10.88
C3B HEM L . -18.63 -2.36 12.01
C4B HEM L . -17.19 -2.56 12.14
CMB HEM L . -20.40 -3.22 10.32
CAB HEM L . -19.45 -1.71 12.95
CBB HEM L . -20.70 -0.99 12.68
C1C HEM L . -15.08 -2.26 13.35
C2C HEM L . -14.28 -1.63 14.40
C3C HEM L . -13.04 -2.20 14.31
C4C HEM L . -13.06 -3.08 13.14
CMC HEM L . -14.69 -0.50 15.34
CAC HEM L . -12.06 -2.16 15.27
CBC HEM L . -11.41 -0.94 15.65
C1D HEM L . -11.97 -4.60 11.58
C2D HEM L . -10.82 -5.38 11.18
C3D HEM L . -11.26 -6.26 10.23
C4D HEM L . -12.67 -5.95 10.03
CMD HEM L . -9.38 -5.18 11.65
CAD HEM L . -10.45 -7.17 9.32
CBD HEM L . -10.34 -8.62 9.76
CGD HEM L . -9.52 -9.46 8.80
O1D HEM L . -9.25 -8.97 7.68
O2D HEM L . -9.16 -10.59 9.16
NA HEM L . -15.45 -5.24 9.44
NB HEM L . -16.68 -3.41 11.16
NC HEM L . -14.32 -3.14 12.56
ND HEM L . -13.10 -4.91 10.85
FE HEM L . -14.85 -4.13 10.96
C1 ECN M . -11.70 -3.63 6.02
C2 ECN M . -10.62 -3.52 5.09
CL4 ECN M . -12.46 1.67 5.12
C6 ECN M . -13.14 -1.09 9.31
C7 ECN M . -13.21 -0.71 8.02
C9 ECN M . -10.10 -3.99 7.84
C10 ECN M . -11.42 -3.86 7.37
C11 ECN M . -9.03 -3.90 6.97
CL2 ECN M . -7.45 -4.09 7.60
C14 ECN M . -13.56 1.07 3.90
C15 ECN M . -13.93 1.91 2.81
C16 ECN M . -14.81 1.44 1.80
C17 ECN M . -15.32 0.13 1.88
CL8 ECN M . -15.27 2.45 0.50
N19 ECN M . -14.21 -1.85 9.55
C19 ECN M . -14.86 -1.19 6.12
C20 ECN M . -13.70 -1.19 5.10
O20 ECN M . -13.45 -2.53 4.56
C5 ECN M . -14.08 -0.27 3.98
N1 ECN M . -14.35 -1.28 7.49
C3 ECN M . -14.92 -1.97 8.47
C8 ECN M . -13.18 -3.50 5.59
C13 ECN M . -9.27 -3.66 5.58
C21 ECN M . -14.96 -0.72 2.95
F F N . -8.91 1.67 -16.26
F F O . -40.01 13.19 8.74
F F P . -33.09 -16.05 12.65
F F Q . -39.46 -3.40 -0.09
F F R . -36.07 -19.43 -6.60
F F S . -23.85 0.48 29.38
F F T . -22.75 9.96 -3.75
F F U . -1.75 -16.62 19.44
F F V . 0.56 4.31 26.99
S SO4 W . -21.13 -12.75 14.37
O1 SO4 W . -20.59 -12.10 15.60
O2 SO4 W . -22.37 -13.55 14.66
O3 SO4 W . -21.40 -11.66 13.38
O4 SO4 W . -20.12 -13.67 13.74
F F X . -14.99 -18.24 -19.59
#